data_4G3R
#
_entry.id   4G3R
#
_cell.length_a   67.553
_cell.length_b   62.269
_cell.length_c   95.490
_cell.angle_alpha   90.00
_cell.angle_beta   90.06
_cell.angle_gamma   90.00
#
_symmetry.space_group_name_H-M   'P 1 21 1'
#
loop_
_entity.id
_entity.type
_entity.pdbx_description
1 polymer 'Camphor 5-monooxygenase'
2 non-polymer 'PROTOPORPHYRIN IX CONTAINING FE'
3 non-polymer CAMPHOR
4 non-polymer 'POTASSIUM ION'
5 non-polymer 'NITRIC OXIDE'
6 water water
#
_entity_poly.entity_id   1
_entity_poly.type   'polypeptide(L)'
_entity_poly.pdbx_seq_one_letter_code
;TTETIQSNANLAPLPPHVPEHLVFDFDMYNPSNLSAGVQEAWAVLQESNVPDLVWTRCNGGHWIATRGQLIREAYEDYRH
FSSECPFIPREAGEAYDFIPTSMDPPEQRQFRALANQVVGMPVVDKLENRIQELACSLIESLRPQGQCNFTEDYAEPFPI
RIFMLLAGLPEEDIPHLKYLTDQMTRPDGSMTFAEAKEALYDYLIPIIEQRRQKPGTDAISIVANGQVNGRPITSDEAKR
MCGLLLVGGLDTVVNFLSFSMEFLAKSPEHRQELIERPERIPAACEELLRRFSLVADGRILTSDYEFHGVQLKKGDQILL
PQMLSGLDERENAAPMHVDFSRQKVSHTTFGHGSHLCLGQHLARREIIVTLKEWLTRIPDFSIAPGAQIQHKSGIVSGVQ
ALPLVWDPATTKAV
;
_entity_poly.pdbx_strand_id   A,B
#
# COMPACT_ATOMS: atom_id res chain seq x y z
N ASN A 8 -28.38 5.79 19.57
CA ASN A 8 -27.42 6.38 20.50
C ASN A 8 -26.29 7.10 19.77
N ALA A 9 -25.61 7.98 20.48
CA ALA A 9 -24.56 8.82 19.89
C ALA A 9 -23.25 8.07 19.71
N ASN A 10 -23.14 6.88 20.30
CA ASN A 10 -21.92 6.10 20.23
C ASN A 10 -21.88 5.19 19.00
N LEU A 11 -22.84 5.36 18.11
CA LEU A 11 -22.99 4.48 16.96
C LEU A 11 -22.73 5.23 15.65
N ALA A 12 -21.65 4.88 14.97
CA ALA A 12 -21.37 5.47 13.67
C ALA A 12 -22.47 5.09 12.68
N PRO A 13 -22.87 6.04 11.81
CA PRO A 13 -23.92 5.76 10.83
C PRO A 13 -23.54 4.58 9.93
N LEU A 14 -24.49 3.69 9.71
CA LEU A 14 -24.25 2.50 8.91
C LEU A 14 -23.89 2.85 7.47
N PRO A 15 -22.75 2.36 6.97
CA PRO A 15 -22.36 2.57 5.58
C PRO A 15 -23.39 1.98 4.63
N PRO A 16 -23.52 2.56 3.43
CA PRO A 16 -24.45 2.07 2.41
C PRO A 16 -24.24 0.60 2.07
N HIS A 17 -22.99 0.14 2.09
CA HIS A 17 -22.71 -1.20 1.60
C HIS A 17 -22.93 -2.32 2.63
N VAL A 18 -23.19 -1.94 3.87
CA VAL A 18 -23.39 -2.92 4.94
C VAL A 18 -24.88 -3.23 5.16
N PRO A 19 -25.28 -4.51 5.00
CA PRO A 19 -26.68 -4.94 5.15
C PRO A 19 -27.23 -4.66 6.55
N GLU A 20 -28.45 -4.13 6.59
CA GLU A 20 -29.10 -3.74 7.84
C GLU A 20 -29.30 -4.91 8.80
N HIS A 21 -29.66 -6.07 8.25
CA HIS A 21 -29.95 -7.25 9.07
C HIS A 21 -28.70 -7.83 9.75
N LEU A 22 -27.53 -7.37 9.33
CA LEU A 22 -26.26 -7.88 9.88
C LEU A 22 -25.73 -7.02 11.02
N VAL A 23 -26.46 -5.97 11.36
CA VAL A 23 -26.02 -5.09 12.43
C VAL A 23 -26.20 -5.75 13.80
N PHE A 24 -25.13 -5.68 14.59
CA PHE A 24 -25.14 -6.17 15.96
C PHE A 24 -24.14 -5.28 16.68
N ASP A 25 -24.65 -4.35 17.47
CA ASP A 25 -23.80 -3.34 18.07
C ASP A 25 -23.02 -3.87 19.28
N PHE A 26 -21.99 -4.65 19.01
CA PHE A 26 -21.09 -5.12 20.06
C PHE A 26 -20.01 -4.06 20.30
N ASP A 27 -19.73 -3.77 21.57
CA ASP A 27 -18.66 -2.83 21.94
C ASP A 27 -17.53 -3.58 22.63
N MET A 28 -16.43 -3.78 21.92
CA MET A 28 -15.34 -4.61 22.43
C MET A 28 -14.65 -4.06 23.70
N TYR A 29 -14.80 -2.76 23.95
CA TYR A 29 -14.17 -2.15 25.12
C TYR A 29 -15.11 -2.06 26.32
N ASN A 30 -16.41 -2.20 26.07
CA ASN A 30 -17.38 -2.26 27.15
C ASN A 30 -18.63 -3.03 26.76
N PRO A 31 -18.53 -4.37 26.68
CA PRO A 31 -19.62 -5.23 26.23
C PRO A 31 -20.73 -5.33 27.27
N SER A 32 -21.97 -5.40 26.81
CA SER A 32 -23.14 -5.31 27.68
C SER A 32 -23.20 -6.37 28.78
N ASN A 33 -22.79 -7.60 28.49
CA ASN A 33 -22.93 -8.68 29.47
C ASN A 33 -21.68 -8.85 30.33
N LEU A 34 -20.90 -7.79 30.48
CA LEU A 34 -19.61 -7.84 31.17
C LEU A 34 -19.66 -8.45 32.58
N SER A 35 -20.73 -8.17 33.31
CA SER A 35 -20.87 -8.62 34.70
C SER A 35 -20.91 -10.14 34.85
N ALA A 36 -21.29 -10.83 33.79
CA ALA A 36 -21.37 -12.29 33.81
C ALA A 36 -20.00 -12.94 33.58
N GLY A 37 -19.01 -12.10 33.32
CA GLY A 37 -17.68 -12.57 32.94
C GLY A 37 -17.38 -12.11 31.52
N VAL A 38 -16.13 -11.74 31.26
CA VAL A 38 -15.78 -11.19 29.96
C VAL A 38 -15.89 -12.22 28.82
N GLN A 39 -15.49 -13.46 29.09
CA GLN A 39 -15.65 -14.52 28.09
C GLN A 39 -17.12 -14.73 27.81
N GLU A 40 -17.92 -14.79 28.87
CA GLU A 40 -19.38 -14.88 28.75
C GLU A 40 -19.96 -13.70 28.00
N ALA A 41 -19.38 -12.52 28.21
CA ALA A 41 -19.85 -11.30 27.55
C ALA A 41 -19.63 -11.35 26.04
N TRP A 42 -18.49 -11.88 25.63
CA TRP A 42 -18.18 -12.01 24.21
C TRP A 42 -18.97 -13.16 23.60
N ALA A 43 -19.31 -14.14 24.44
CA ALA A 43 -20.01 -15.34 23.99
C ALA A 43 -21.43 -15.05 23.50
N VAL A 44 -21.98 -13.88 23.84
CA VAL A 44 -23.28 -13.49 23.34
C VAL A 44 -23.27 -13.35 21.82
N LEU A 45 -22.07 -13.24 21.25
CA LEU A 45 -21.91 -13.15 19.80
C LEU A 45 -22.12 -14.51 19.15
N GLN A 46 -22.21 -15.55 19.98
CA GLN A 46 -22.40 -16.89 19.46
C GLN A 46 -23.74 -17.51 19.89
N GLU A 47 -24.64 -16.67 20.40
CA GLU A 47 -25.98 -17.13 20.76
C GLU A 47 -26.76 -17.47 19.50
N SER A 48 -27.89 -18.16 19.67
CA SER A 48 -28.73 -18.53 18.55
C SER A 48 -29.23 -17.27 17.84
N ASN A 49 -29.42 -17.39 16.53
CA ASN A 49 -29.89 -16.29 15.68
C ASN A 49 -28.86 -15.19 15.40
N VAL A 50 -27.63 -15.35 15.91
CA VAL A 50 -26.55 -14.42 15.58
C VAL A 50 -25.69 -14.99 14.44
N PRO A 51 -25.54 -14.23 13.35
CA PRO A 51 -24.85 -14.67 12.13
C PRO A 51 -23.35 -14.93 12.32
N ASP A 52 -22.72 -15.57 11.34
CA ASP A 52 -21.29 -15.88 11.37
C ASP A 52 -20.45 -14.63 11.29
N LEU A 53 -21.00 -13.60 10.66
CA LEU A 53 -20.27 -12.35 10.41
C LEU A 53 -21.21 -11.17 10.57
N VAL A 54 -20.97 -10.32 11.57
CA VAL A 54 -21.83 -9.17 11.82
C VAL A 54 -21.10 -7.85 11.66
N TRP A 55 -21.87 -6.76 11.68
CA TRP A 55 -21.29 -5.42 11.70
C TRP A 55 -21.71 -4.68 12.97
N THR A 56 -20.74 -4.16 13.70
CA THR A 56 -21.06 -3.30 14.83
C THR A 56 -20.84 -1.84 14.46
N ARG A 57 -21.71 -0.97 14.95
CA ARG A 57 -21.59 0.45 14.68
C ARG A 57 -20.78 1.13 15.78
N CYS A 58 -20.39 0.35 16.79
CA CYS A 58 -19.56 0.85 17.88
C CYS A 58 -18.13 1.07 17.42
N ASN A 59 -17.42 1.94 18.13
CA ASN A 59 -15.99 2.14 17.92
C ASN A 59 -15.62 2.49 16.48
N GLY A 60 -16.48 3.26 15.82
CA GLY A 60 -16.22 3.70 14.47
C GLY A 60 -16.82 2.83 13.38
N GLY A 61 -17.26 1.63 13.76
CA GLY A 61 -17.88 0.73 12.80
C GLY A 61 -16.92 -0.27 12.20
N HIS A 62 -17.21 -1.56 12.38
CA HIS A 62 -16.34 -2.62 11.88
C HIS A 62 -17.04 -3.97 11.83
N TRP A 63 -16.51 -4.89 11.03
CA TRP A 63 -17.01 -6.26 10.98
C TRP A 63 -16.49 -7.07 12.18
N ILE A 64 -17.24 -8.09 12.59
CA ILE A 64 -16.76 -9.06 13.56
C ILE A 64 -17.10 -10.48 13.08
N ALA A 65 -16.09 -11.33 12.95
CA ALA A 65 -16.32 -12.74 12.70
C ALA A 65 -16.56 -13.45 14.04
N THR A 66 -17.71 -14.11 14.17
CA THR A 66 -18.15 -14.62 15.46
C THR A 66 -17.86 -16.10 15.68
N ARG A 67 -17.39 -16.77 14.63
CA ARG A 67 -17.17 -18.21 14.73
C ARG A 67 -15.73 -18.56 14.33
N GLY A 68 -15.23 -19.64 14.92
CA GLY A 68 -13.88 -20.12 14.65
C GLY A 68 -13.57 -20.38 13.20
N GLN A 69 -14.55 -20.88 12.45
CA GLN A 69 -14.36 -21.17 11.03
C GLN A 69 -13.89 -19.95 10.24
N LEU A 70 -14.60 -18.84 10.39
CA LEU A 70 -14.26 -17.58 9.70
C LEU A 70 -13.01 -16.91 10.28
N ILE A 71 -12.88 -16.93 11.60
CA ILE A 71 -11.72 -16.35 12.27
C ILE A 71 -10.43 -17.00 11.77
N ARG A 72 -10.45 -18.32 11.64
CA ARG A 72 -9.29 -19.07 11.16
C ARG A 72 -9.00 -18.80 9.68
N GLU A 73 -10.03 -18.80 8.84
CA GLU A 73 -9.85 -18.56 7.40
C GLU A 73 -9.27 -17.18 7.10
N ALA A 74 -9.78 -16.18 7.78
CA ALA A 74 -9.33 -14.81 7.55
C ALA A 74 -7.88 -14.64 7.96
N TYR A 75 -7.50 -15.20 9.11
CA TYR A 75 -6.11 -15.11 9.58
C TYR A 75 -5.12 -15.78 8.62
N GLU A 76 -5.61 -16.77 7.87
CA GLU A 76 -4.81 -17.45 6.87
C GLU A 76 -4.68 -16.64 5.58
N ASP A 77 -5.71 -15.84 5.28
CA ASP A 77 -5.75 -15.05 4.03
C ASP A 77 -5.18 -13.64 4.19
N TYR A 78 -3.87 -13.52 4.26
CA TYR A 78 -3.25 -12.21 4.46
C TYR A 78 -3.34 -11.28 3.23
N ARG A 79 -3.54 -11.86 2.06
CA ARG A 79 -3.65 -11.05 0.84
C ARG A 79 -4.91 -10.19 0.83
N HIS A 80 -5.99 -10.72 1.40
CA HIS A 80 -7.25 -9.97 1.53
C HIS A 80 -7.35 -9.28 2.87
N PHE A 81 -6.87 -9.93 3.91
CA PHE A 81 -6.97 -9.38 5.27
C PHE A 81 -5.60 -8.98 5.80
N SER A 82 -5.27 -7.70 5.68
CA SER A 82 -3.95 -7.19 6.00
C SER A 82 -3.75 -6.85 7.49
N SER A 83 -2.53 -7.08 7.98
CA SER A 83 -2.16 -6.78 9.36
C SER A 83 -1.72 -5.32 9.48
N GLU A 84 -1.68 -4.62 8.35
CA GLU A 84 -1.23 -3.23 8.31
C GLU A 84 -1.98 -2.33 9.28
N CYS A 85 -3.28 -2.57 9.43
CA CYS A 85 -4.13 -1.82 10.35
C CYS A 85 -4.90 -2.80 11.22
N PRO A 86 -4.25 -3.33 12.29
CA PRO A 86 -4.77 -4.47 13.05
C PRO A 86 -5.60 -4.11 14.31
N PHE A 87 -5.67 -2.84 14.68
CA PHE A 87 -6.39 -2.47 15.90
C PHE A 87 -7.67 -1.69 15.61
N ILE A 88 -8.71 -2.02 16.38
CA ILE A 88 -9.92 -1.18 16.47
C ILE A 88 -9.70 -0.27 17.67
N PRO A 89 -9.99 1.04 17.54
CA PRO A 89 -10.59 1.78 16.42
C PRO A 89 -9.59 2.10 15.31
N ARG A 90 -10.06 2.71 14.23
CA ARG A 90 -9.22 2.99 13.06
C ARG A 90 -7.96 3.80 13.37
N GLU A 91 -8.09 4.84 14.19
CA GLU A 91 -6.97 5.71 14.55
C GLU A 91 -5.85 4.92 15.22
N ALA A 92 -6.25 3.96 16.06
CA ALA A 92 -5.31 3.06 16.71
C ALA A 92 -4.60 2.19 15.67
N GLY A 93 -5.39 1.58 14.78
CA GLY A 93 -4.84 0.69 13.77
C GLY A 93 -3.87 1.38 12.83
N GLU A 94 -4.14 2.64 12.52
CA GLU A 94 -3.27 3.42 11.64
C GLU A 94 -1.94 3.82 12.31
N ALA A 95 -1.98 4.11 13.60
CA ALA A 95 -0.76 4.47 14.35
C ALA A 95 0.08 3.24 14.62
N TYR A 96 -0.60 2.09 14.72
CA TYR A 96 0.06 0.81 15.01
C TYR A 96 1.08 0.49 13.93
N ASP A 97 2.36 0.48 14.30
CA ASP A 97 3.41 0.16 13.35
C ASP A 97 4.42 -0.82 13.90
N PHE A 98 4.04 -1.53 14.96
CA PHE A 98 4.90 -2.54 15.58
C PHE A 98 5.37 -3.57 14.57
N ILE A 99 6.55 -4.11 14.84
CA ILE A 99 7.19 -5.09 13.97
C ILE A 99 7.36 -6.39 14.75
N PRO A 100 6.99 -7.53 14.16
CA PRO A 100 6.54 -7.73 12.76
C PRO A 100 5.02 -7.72 12.57
N THR A 101 4.27 -7.39 13.62
CA THR A 101 2.82 -7.56 13.62
C THR A 101 2.08 -6.70 12.60
N SER A 102 2.58 -5.51 12.32
CA SER A 102 1.92 -4.61 11.38
C SER A 102 2.29 -4.91 9.93
N MET A 103 3.00 -6.01 9.71
CA MET A 103 3.46 -6.37 8.37
C MET A 103 2.87 -7.70 7.93
N ASP A 104 2.62 -7.82 6.63
CA ASP A 104 2.20 -9.08 6.04
C ASP A 104 3.42 -9.77 5.43
N PRO A 105 3.34 -11.10 5.25
CA PRO A 105 4.33 -11.76 4.38
C PRO A 105 4.19 -11.18 2.98
N PRO A 106 5.26 -11.19 2.18
CA PRO A 106 6.59 -11.76 2.46
C PRO A 106 7.47 -10.89 3.37
N GLU A 107 7.20 -9.59 3.45
CA GLU A 107 8.10 -8.68 4.15
C GLU A 107 8.18 -8.92 5.66
N GLN A 108 7.16 -9.57 6.21
CA GLN A 108 7.09 -9.83 7.66
C GLN A 108 8.18 -10.77 8.16
N ARG A 109 8.44 -11.83 7.39
CA ARG A 109 9.17 -12.99 7.90
C ARG A 109 10.58 -12.73 8.42
N GLN A 110 11.36 -11.92 7.70
CA GLN A 110 12.74 -11.63 8.10
C GLN A 110 12.82 -11.05 9.51
N PHE A 111 11.82 -10.26 9.89
CA PHE A 111 11.80 -9.64 11.21
C PHE A 111 11.33 -10.61 12.28
N ARG A 112 10.48 -11.55 11.87
CA ARG A 112 9.90 -12.53 12.79
C ARG A 112 10.97 -13.50 13.28
N ALA A 113 11.91 -13.83 12.39
CA ALA A 113 13.00 -14.71 12.76
C ALA A 113 13.90 -14.06 13.82
N LEU A 114 14.10 -12.75 13.71
CA LEU A 114 14.90 -12.02 14.68
C LEU A 114 14.21 -11.96 16.05
N ALA A 115 12.91 -11.71 16.04
CA ALA A 115 12.15 -11.66 17.28
C ALA A 115 12.06 -13.05 17.92
N ASN A 116 11.91 -14.08 17.10
CA ASN A 116 11.82 -15.45 17.60
C ASN A 116 13.12 -15.86 18.31
N GLN A 117 14.22 -15.24 17.93
CA GLN A 117 15.51 -15.52 18.56
C GLN A 117 15.58 -15.04 20.00
N VAL A 118 14.90 -13.93 20.31
CA VAL A 118 15.03 -13.33 21.64
C VAL A 118 13.98 -13.80 22.67
N VAL A 119 12.89 -14.39 22.22
CA VAL A 119 11.88 -14.89 23.16
C VAL A 119 11.46 -16.34 22.90
N GLY A 120 12.14 -16.99 21.97
CA GLY A 120 11.78 -18.35 21.58
C GLY A 120 12.22 -19.40 22.56
N MET A 121 11.87 -20.65 22.27
CA MET A 121 12.14 -21.78 23.15
C MET A 121 13.55 -21.87 23.76
N PRO A 122 14.62 -21.71 22.95
CA PRO A 122 15.96 -21.81 23.56
C PRO A 122 16.19 -20.78 24.67
N VAL A 123 15.57 -19.61 24.54
CA VAL A 123 15.68 -18.56 25.54
C VAL A 123 14.88 -18.94 26.78
N VAL A 124 13.71 -19.53 26.57
CA VAL A 124 12.85 -19.96 27.68
C VAL A 124 13.54 -21.02 28.54
N ASP A 125 14.24 -21.94 27.90
CA ASP A 125 14.92 -23.03 28.60
C ASP A 125 15.99 -22.51 29.55
N LYS A 126 16.75 -21.51 29.12
CA LYS A 126 17.78 -20.92 29.96
C LYS A 126 17.20 -19.99 31.03
N LEU A 127 15.93 -19.64 30.87
CA LEU A 127 15.22 -18.80 31.84
C LEU A 127 14.52 -19.64 32.89
N GLU A 128 14.46 -20.95 32.65
CA GLU A 128 13.68 -21.87 33.49
C GLU A 128 13.87 -21.70 34.98
N ASN A 129 15.13 -21.75 35.43
CA ASN A 129 15.41 -21.74 36.86
C ASN A 129 15.07 -20.43 37.56
N ARG A 130 15.28 -19.31 36.88
CA ARG A 130 14.93 -18.01 37.45
C ARG A 130 13.41 -17.85 37.55
N ILE A 131 12.71 -18.43 36.58
CA ILE A 131 11.24 -18.42 36.60
C ILE A 131 10.74 -19.25 37.79
N GLN A 132 11.31 -20.43 37.95
CA GLN A 132 11.00 -21.31 39.05
C GLN A 132 11.22 -20.63 40.40
N GLU A 133 12.39 -20.01 40.56
CA GLU A 133 12.76 -19.37 41.81
C GLU A 133 11.84 -18.21 42.18
N LEU A 134 11.52 -17.38 41.19
CA LEU A 134 10.68 -16.21 41.43
C LEU A 134 9.27 -16.59 41.89
N ALA A 135 8.71 -17.62 41.28
CA ALA A 135 7.38 -18.10 41.66
C ALA A 135 7.39 -18.62 43.09
N CYS A 136 8.36 -19.47 43.39
CA CYS A 136 8.49 -20.04 44.73
C CYS A 136 8.72 -18.94 45.77
N SER A 137 9.53 -17.95 45.40
CA SER A 137 9.83 -16.83 46.30
C SER A 137 8.57 -16.02 46.61
N LEU A 138 7.81 -15.67 45.58
CA LEU A 138 6.59 -14.89 45.78
C LEU A 138 5.55 -15.64 46.60
N ILE A 139 5.36 -16.91 46.30
CA ILE A 139 4.30 -17.70 46.92
C ILE A 139 4.59 -17.98 48.40
N GLU A 140 5.85 -18.21 48.73
CA GLU A 140 6.24 -18.45 50.12
C GLU A 140 5.99 -17.22 51.00
N SER A 141 6.33 -16.04 50.49
CA SER A 141 6.14 -14.82 51.24
C SER A 141 4.66 -14.50 51.46
N LEU A 142 3.82 -14.94 50.54
CA LEU A 142 2.38 -14.73 50.66
C LEU A 142 1.71 -15.75 51.57
N ARG A 143 2.31 -16.93 51.67
CA ARG A 143 1.67 -18.10 52.29
C ARG A 143 1.18 -17.95 53.75
N PRO A 144 2.05 -17.50 54.67
CA PRO A 144 1.57 -17.47 56.06
C PRO A 144 0.61 -16.32 56.37
N GLN A 145 0.33 -15.48 55.37
CA GLN A 145 -0.49 -14.30 55.59
C GLN A 145 -1.98 -14.60 55.48
N GLY A 146 -2.31 -15.71 54.82
CA GLY A 146 -3.68 -16.16 54.68
C GLY A 146 -4.55 -15.29 53.80
N GLN A 147 -3.92 -14.41 53.00
CA GLN A 147 -4.65 -13.56 52.08
C GLN A 147 -3.70 -12.83 51.13
N CYS A 148 -4.25 -12.40 49.99
CA CYS A 148 -3.48 -11.62 49.02
C CYS A 148 -4.39 -10.92 48.00
N ASN A 149 -3.90 -9.83 47.45
CA ASN A 149 -4.53 -9.19 46.29
C ASN A 149 -3.83 -9.71 45.06
N PHE A 150 -4.35 -10.79 44.49
CA PHE A 150 -3.61 -11.60 43.51
C PHE A 150 -3.06 -10.86 42.28
N THR A 151 -3.78 -9.83 41.81
CA THR A 151 -3.34 -9.09 40.62
C THR A 151 -2.06 -8.31 40.90
N GLU A 152 -2.02 -7.66 42.05
CA GLU A 152 -0.83 -6.89 42.46
C GLU A 152 0.25 -7.77 43.04
N ASP A 153 -0.15 -8.84 43.72
CA ASP A 153 0.76 -9.64 44.53
C ASP A 153 1.43 -10.78 43.77
N TYR A 154 0.87 -11.16 42.62
CA TYR A 154 1.49 -12.24 41.87
C TYR A 154 1.40 -12.07 40.35
N ALA A 155 0.19 -11.89 39.85
CA ALA A 155 -0.06 -11.86 38.41
C ALA A 155 0.74 -10.78 37.70
N GLU A 156 0.93 -9.65 38.35
CA GLU A 156 1.75 -8.60 37.74
C GLU A 156 3.26 -8.84 37.92
N PRO A 157 3.77 -8.87 39.18
CA PRO A 157 5.23 -8.95 39.30
C PRO A 157 5.87 -10.26 38.80
N PHE A 158 5.16 -11.39 38.85
CA PHE A 158 5.78 -12.64 38.41
C PHE A 158 6.18 -12.64 36.92
N PRO A 159 5.23 -12.45 35.98
CA PRO A 159 5.71 -12.43 34.60
C PRO A 159 6.45 -11.15 34.22
N ILE A 160 6.07 -10.01 34.80
CA ILE A 160 6.69 -8.74 34.43
C ILE A 160 8.17 -8.68 34.82
N ARG A 161 8.49 -9.06 36.05
CA ARG A 161 9.88 -9.10 36.48
C ARG A 161 10.69 -10.06 35.60
N ILE A 162 10.07 -11.15 35.19
CA ILE A 162 10.73 -12.10 34.28
C ILE A 162 11.06 -11.45 32.93
N PHE A 163 10.12 -10.70 32.37
CA PHE A 163 10.41 -10.02 31.10
C PHE A 163 11.47 -8.94 31.24
N MET A 164 11.36 -8.15 32.30
CA MET A 164 12.29 -7.05 32.54
C MET A 164 13.71 -7.58 32.73
N LEU A 165 13.82 -8.80 33.25
CA LEU A 165 15.11 -9.48 33.36
C LEU A 165 15.63 -9.84 31.97
N LEU A 166 14.75 -10.45 31.17
CA LEU A 166 15.08 -10.81 29.80
C LEU A 166 15.53 -9.60 28.98
N ALA A 167 14.84 -8.48 29.15
CA ALA A 167 15.08 -7.28 28.35
C ALA A 167 16.19 -6.39 28.90
N GLY A 168 16.73 -6.75 30.06
CA GLY A 168 17.78 -5.98 30.69
C GLY A 168 17.33 -4.61 31.15
N LEU A 169 16.10 -4.52 31.62
CA LEU A 169 15.51 -3.25 32.06
C LEU A 169 15.25 -3.26 33.57
N PRO A 170 15.43 -2.09 34.22
CA PRO A 170 15.21 -1.91 35.66
C PRO A 170 13.75 -2.04 36.06
N GLU A 171 13.47 -2.75 37.15
CA GLU A 171 12.11 -3.02 37.59
C GLU A 171 11.38 -1.77 38.05
N GLU A 172 12.14 -0.74 38.42
CA GLU A 172 11.54 0.51 38.87
C GLU A 172 10.83 1.23 37.73
N ASP A 173 11.12 0.81 36.50
CA ASP A 173 10.45 1.36 35.32
C ASP A 173 9.06 0.74 35.07
N ILE A 174 8.80 -0.41 35.67
CA ILE A 174 7.54 -1.13 35.48
C ILE A 174 6.27 -0.28 35.59
N PRO A 175 6.10 0.52 36.67
CA PRO A 175 4.86 1.30 36.76
C PRO A 175 4.60 2.21 35.55
N HIS A 176 5.63 2.84 35.01
CA HIS A 176 5.45 3.69 33.82
C HIS A 176 5.09 2.85 32.60
N LEU A 177 5.90 1.84 32.31
CA LEU A 177 5.73 1.01 31.13
C LEU A 177 4.40 0.26 31.15
N LYS A 178 4.05 -0.28 32.31
CA LYS A 178 2.80 -1.01 32.49
C LYS A 178 1.59 -0.13 32.16
N TYR A 179 1.61 1.11 32.66
CA TYR A 179 0.55 2.07 32.37
C TYR A 179 0.45 2.32 30.86
N LEU A 180 1.60 2.45 30.20
CA LEU A 180 1.60 2.70 28.75
C LEU A 180 0.99 1.54 27.96
N THR A 181 1.37 0.31 28.28
CA THR A 181 0.85 -0.86 27.56
C THR A 181 -0.66 -0.99 27.76
N ASP A 182 -1.12 -0.74 28.97
CA ASP A 182 -2.54 -0.85 29.28
C ASP A 182 -3.40 0.17 28.55
N GLN A 183 -2.81 1.31 28.17
CA GLN A 183 -3.52 2.31 27.38
C GLN A 183 -3.66 1.87 25.93
N MET A 184 -2.84 0.92 25.52
CA MET A 184 -2.87 0.42 24.15
C MET A 184 -3.89 -0.71 24.01
N THR A 185 -4.23 -1.33 25.14
CA THR A 185 -5.11 -2.50 25.14
C THR A 185 -6.48 -2.22 25.75
N ARG A 186 -6.50 -1.52 26.89
CA ARG A 186 -7.75 -1.16 27.55
C ARG A 186 -7.69 0.30 28.02
N PRO A 187 -7.66 1.24 27.08
CA PRO A 187 -7.45 2.65 27.43
C PRO A 187 -8.52 3.18 28.38
N ASP A 188 -8.10 3.90 29.42
CA ASP A 188 -9.02 4.48 30.39
C ASP A 188 -9.57 5.80 29.91
N GLY A 189 -8.95 6.35 28.87
CA GLY A 189 -9.39 7.61 28.28
C GLY A 189 -8.34 8.70 28.34
N SER A 190 -7.41 8.57 29.29
CA SER A 190 -6.38 9.59 29.48
C SER A 190 -5.39 9.66 28.32
N MET A 191 -5.28 8.59 27.55
CA MET A 191 -4.29 8.52 26.48
C MET A 191 -4.79 7.78 25.24
N THR A 192 -4.52 8.34 24.07
CA THR A 192 -4.78 7.64 22.82
C THR A 192 -3.70 6.60 22.57
N PHE A 193 -3.95 5.68 21.64
CA PHE A 193 -2.94 4.69 21.26
C PHE A 193 -1.69 5.39 20.73
N ALA A 194 -1.91 6.46 19.97
CA ALA A 194 -0.80 7.20 19.35
C ALA A 194 0.12 7.81 20.41
N GLU A 195 -0.48 8.40 21.45
CA GLU A 195 0.29 9.02 22.50
C GLU A 195 1.05 7.97 23.33
N ALA A 196 0.41 6.85 23.59
CA ALA A 196 1.03 5.78 24.37
C ALA A 196 2.23 5.17 23.64
N LYS A 197 2.05 4.94 22.34
CA LYS A 197 3.10 4.37 21.51
C LYS A 197 4.32 5.30 21.42
N GLU A 198 4.05 6.57 21.14
CA GLU A 198 5.09 7.58 21.05
C GLU A 198 5.91 7.69 22.34
N ALA A 199 5.23 7.55 23.48
CA ALA A 199 5.88 7.56 24.78
C ALA A 199 6.69 6.28 25.00
N LEU A 200 6.17 5.17 24.51
CA LEU A 200 6.88 3.90 24.58
C LEU A 200 8.14 3.99 23.72
N TYR A 201 7.99 4.53 22.51
CA TYR A 201 9.13 4.74 21.64
C TYR A 201 10.12 5.73 22.26
N ASP A 202 9.61 6.75 22.93
CA ASP A 202 10.46 7.75 23.59
C ASP A 202 11.33 7.10 24.67
N TYR A 203 10.77 6.10 25.34
CA TYR A 203 11.50 5.35 26.36
C TYR A 203 12.64 4.55 25.74
N LEU A 204 12.35 3.89 24.63
CA LEU A 204 13.28 2.95 24.01
C LEU A 204 14.46 3.59 23.28
N ILE A 205 14.23 4.75 22.66
CA ILE A 205 15.23 5.39 21.78
C ILE A 205 16.66 5.51 22.33
N PRO A 206 16.83 6.12 23.52
CA PRO A 206 18.22 6.25 23.98
C PRO A 206 18.80 4.93 24.49
N ILE A 207 17.94 4.01 24.87
CA ILE A 207 18.38 2.69 25.31
C ILE A 207 18.88 1.88 24.12
N ILE A 208 18.18 2.01 23.01
CA ILE A 208 18.57 1.33 21.78
C ILE A 208 19.89 1.86 21.21
N GLU A 209 20.08 3.18 21.29
CA GLU A 209 21.31 3.80 20.81
C GLU A 209 22.51 3.38 21.65
N GLN A 210 22.34 3.42 22.98
CA GLN A 210 23.44 3.08 23.88
C GLN A 210 23.82 1.60 23.81
N ARG A 211 22.86 0.75 23.45
CA ARG A 211 23.13 -0.68 23.37
C ARG A 211 23.54 -1.11 21.97
N ARG A 212 23.60 -0.14 21.06
CA ARG A 212 24.20 -0.34 19.73
C ARG A 212 25.68 0.10 19.76
N GLN A 213 26.06 0.81 20.81
CA GLN A 213 27.45 1.22 21.00
C GLN A 213 28.15 0.23 21.92
N LYS A 214 27.49 -0.10 23.03
CA LYS A 214 27.96 -1.14 23.94
C LYS A 214 26.95 -2.27 24.01
N PRO A 215 27.07 -3.25 23.09
CA PRO A 215 26.12 -4.38 23.03
C PRO A 215 26.17 -5.26 24.28
N GLY A 216 25.03 -5.84 24.62
CA GLY A 216 24.93 -6.74 25.77
C GLY A 216 24.39 -8.07 25.32
N THR A 217 23.82 -8.84 26.26
CA THR A 217 23.24 -10.14 25.93
C THR A 217 21.74 -10.15 26.18
N ASP A 218 21.21 -9.01 26.59
CA ASP A 218 19.77 -8.84 26.84
C ASP A 218 19.02 -8.75 25.52
N ALA A 219 17.72 -9.03 25.56
CA ALA A 219 16.87 -9.05 24.38
C ALA A 219 16.92 -7.74 23.57
N ILE A 220 17.08 -6.62 24.26
CA ILE A 220 17.13 -5.33 23.59
C ILE A 220 18.43 -5.18 22.80
N SER A 221 19.54 -5.62 23.37
CA SER A 221 20.82 -5.60 22.68
C SER A 221 20.81 -6.52 21.45
N ILE A 222 20.16 -7.68 21.59
CA ILE A 222 20.12 -8.67 20.53
C ILE A 222 19.30 -8.18 19.33
N VAL A 223 18.18 -7.51 19.59
CA VAL A 223 17.37 -6.95 18.51
C VAL A 223 18.11 -5.79 17.85
N ALA A 224 18.56 -4.86 18.68
CA ALA A 224 19.20 -3.63 18.20
C ALA A 224 20.45 -3.86 17.35
N ASN A 225 21.15 -4.96 17.61
CA ASN A 225 22.38 -5.26 16.87
C ASN A 225 22.20 -6.39 15.85
N GLY A 226 20.98 -6.89 15.72
CA GLY A 226 20.71 -8.03 14.87
C GLY A 226 20.73 -7.74 13.38
N GLN A 227 20.51 -8.79 12.58
CA GLN A 227 20.43 -8.63 11.14
C GLN A 227 19.14 -9.24 10.62
N VAL A 228 18.58 -8.64 9.57
CA VAL A 228 17.40 -9.20 8.94
C VAL A 228 17.72 -9.66 7.51
N ASN A 229 17.64 -10.98 7.30
CA ASN A 229 18.02 -11.57 6.02
C ASN A 229 19.40 -11.15 5.52
N GLY A 230 20.32 -10.93 6.47
CA GLY A 230 21.70 -10.64 6.14
C GLY A 230 22.11 -9.18 6.16
N ARG A 231 21.15 -8.27 6.34
CA ARG A 231 21.48 -6.85 6.38
C ARG A 231 21.16 -6.25 7.76
N PRO A 232 21.97 -5.30 8.22
CA PRO A 232 21.85 -4.75 9.58
C PRO A 232 20.51 -4.04 9.82
N ILE A 233 19.90 -4.30 10.97
CA ILE A 233 18.63 -3.68 11.32
C ILE A 233 18.86 -2.20 11.66
N THR A 234 17.92 -1.34 11.26
CA THR A 234 18.06 0.08 11.53
C THR A 234 17.63 0.41 12.96
N SER A 235 17.81 1.66 13.36
CA SER A 235 17.38 2.11 14.68
C SER A 235 15.86 2.10 14.80
N ASP A 236 15.18 2.68 13.82
CA ASP A 236 13.72 2.72 13.79
C ASP A 236 13.10 1.33 13.87
N GLU A 237 13.62 0.41 13.07
CA GLU A 237 13.13 -0.95 13.03
C GLU A 237 13.22 -1.63 14.39
N ALA A 238 14.39 -1.48 15.03
CA ALA A 238 14.61 -2.09 16.35
C ALA A 238 13.66 -1.53 17.39
N LYS A 239 13.40 -0.22 17.30
CA LYS A 239 12.47 0.46 18.18
C LYS A 239 11.06 -0.11 18.04
N ARG A 240 10.64 -0.29 16.79
CA ARG A 240 9.31 -0.81 16.49
C ARG A 240 9.14 -2.27 16.91
N MET A 241 10.22 -3.03 16.90
CA MET A 241 10.18 -4.41 17.36
C MET A 241 10.22 -4.52 18.88
N CYS A 242 11.12 -3.75 19.52
CA CYS A 242 11.24 -3.78 20.98
C CYS A 242 9.96 -3.34 21.68
N GLY A 243 9.31 -2.31 21.13
CA GLY A 243 8.07 -1.81 21.68
C GLY A 243 6.99 -2.87 21.79
N LEU A 244 6.93 -3.74 20.79
CA LEU A 244 5.95 -4.82 20.78
C LEU A 244 6.28 -5.84 21.85
N LEU A 245 7.56 -6.13 22.02
CA LEU A 245 8.01 -7.10 23.01
C LEU A 245 7.61 -6.69 24.42
N LEU A 246 7.70 -5.39 24.71
CA LEU A 246 7.27 -4.85 25.99
C LEU A 246 5.76 -5.06 26.20
N VAL A 247 4.97 -4.89 25.15
CA VAL A 247 3.53 -5.09 25.24
C VAL A 247 3.19 -6.57 25.50
N GLY A 248 3.77 -7.46 24.71
CA GLY A 248 3.57 -8.89 24.90
C GLY A 248 4.00 -9.38 26.28
N GLY A 249 5.05 -8.76 26.82
CA GLY A 249 5.57 -9.18 28.11
C GLY A 249 4.85 -8.61 29.32
N LEU A 250 4.22 -7.44 29.14
CA LEU A 250 3.63 -6.73 30.26
C LEU A 250 2.10 -6.86 30.42
N ASP A 251 1.41 -7.22 29.33
CA ASP A 251 -0.05 -7.26 29.37
C ASP A 251 -0.67 -8.47 28.67
N THR A 252 -0.11 -9.65 28.91
CA THR A 252 -0.66 -10.88 28.36
C THR A 252 -0.83 -11.94 29.46
N VAL A 253 0.27 -12.58 29.85
CA VAL A 253 0.27 -13.59 30.91
C VAL A 253 -0.30 -13.00 32.20
N VAL A 254 0.04 -11.73 32.46
CA VAL A 254 -0.43 -11.01 33.65
C VAL A 254 -1.93 -11.18 33.85
N ASN A 255 -2.67 -10.99 32.77
CA ASN A 255 -4.12 -11.03 32.79
C ASN A 255 -4.64 -12.45 32.83
N PHE A 256 -4.02 -13.33 32.07
CA PHE A 256 -4.48 -14.72 32.02
C PHE A 256 -4.35 -15.45 33.36
N LEU A 257 -3.28 -15.17 34.09
CA LEU A 257 -3.09 -15.81 35.39
C LEU A 257 -4.26 -15.54 36.35
N SER A 258 -4.77 -14.31 36.31
CA SER A 258 -5.88 -13.92 37.17
C SER A 258 -7.19 -14.63 36.83
N PHE A 259 -7.44 -14.82 35.53
CA PHE A 259 -8.60 -15.59 35.08
C PHE A 259 -8.56 -17.03 35.60
N SER A 260 -7.40 -17.66 35.48
CA SER A 260 -7.23 -19.05 35.92
C SER A 260 -7.41 -19.19 37.43
N MET A 261 -6.77 -18.29 38.18
CA MET A 261 -6.80 -18.35 39.63
C MET A 261 -8.15 -17.93 40.21
N GLU A 262 -8.88 -17.07 39.49
CA GLU A 262 -10.23 -16.73 39.90
C GLU A 262 -11.09 -17.99 39.79
N PHE A 263 -10.91 -18.71 38.69
CA PHE A 263 -11.62 -19.96 38.47
C PHE A 263 -11.29 -20.99 39.56
N LEU A 264 -10.00 -21.16 39.83
CA LEU A 264 -9.54 -22.18 40.77
C LEU A 264 -10.00 -21.90 42.20
N ALA A 265 -10.08 -20.63 42.56
CA ALA A 265 -10.59 -20.24 43.87
C ALA A 265 -12.08 -20.52 44.02
N LYS A 266 -12.80 -20.53 42.90
CA LYS A 266 -14.24 -20.76 42.91
C LYS A 266 -14.58 -22.22 42.59
N SER A 267 -13.56 -23.04 42.35
CA SER A 267 -13.78 -24.44 42.02
C SER A 267 -12.84 -25.37 42.77
N PRO A 268 -13.24 -25.77 44.00
CA PRO A 268 -12.48 -26.69 44.85
C PRO A 268 -12.30 -28.08 44.22
N GLU A 269 -13.28 -28.52 43.43
CA GLU A 269 -13.20 -29.82 42.77
C GLU A 269 -12.04 -29.86 41.78
N HIS A 270 -11.80 -28.73 41.12
CA HIS A 270 -10.74 -28.66 40.13
C HIS A 270 -9.35 -28.58 40.78
N ARG A 271 -9.23 -27.78 41.83
CA ARG A 271 -8.00 -27.72 42.61
C ARG A 271 -7.60 -29.12 43.08
N GLN A 272 -8.59 -29.85 43.59
CA GLN A 272 -8.37 -31.18 44.14
C GLN A 272 -7.85 -32.14 43.08
N GLU A 273 -8.37 -31.99 41.87
CA GLU A 273 -7.99 -32.82 40.74
C GLU A 273 -6.52 -32.68 40.41
N LEU A 274 -6.00 -31.45 40.54
CA LEU A 274 -4.60 -31.17 40.22
C LEU A 274 -3.69 -31.42 41.42
N ILE A 275 -4.26 -31.39 42.62
CA ILE A 275 -3.52 -31.74 43.82
C ILE A 275 -3.26 -33.25 43.85
N GLU A 276 -4.31 -34.03 43.64
CA GLU A 276 -4.21 -35.48 43.62
C GLU A 276 -3.47 -36.00 42.39
N ARG A 277 -3.57 -35.29 41.27
CA ARG A 277 -2.89 -35.68 40.04
C ARG A 277 -2.17 -34.50 39.37
N PRO A 278 -0.98 -34.14 39.88
CA PRO A 278 -0.19 -33.01 39.39
C PRO A 278 0.27 -33.14 37.94
N GLU A 279 0.35 -34.36 37.44
CA GLU A 279 0.80 -34.59 36.06
C GLU A 279 -0.25 -34.19 35.02
N ARG A 280 -1.35 -33.68 35.48
CA ARG A 280 -2.40 -33.18 34.59
C ARG A 280 -2.28 -31.67 34.39
N ILE A 281 -1.32 -31.06 35.08
CA ILE A 281 -1.15 -29.61 35.03
C ILE A 281 -0.88 -29.01 33.62
N PRO A 282 -0.04 -29.69 32.80
CA PRO A 282 0.10 -29.19 31.42
C PRO A 282 -1.23 -29.21 30.65
N ALA A 283 -1.98 -30.31 30.74
CA ALA A 283 -3.26 -30.40 30.04
C ALA A 283 -4.26 -29.37 30.57
N ALA A 284 -4.26 -29.18 31.88
CA ALA A 284 -5.14 -28.20 32.50
C ALA A 284 -4.79 -26.79 32.00
N CYS A 285 -3.50 -26.57 31.77
CA CYS A 285 -3.03 -25.28 31.29
C CYS A 285 -3.67 -24.95 29.94
N GLU A 286 -3.68 -25.93 29.05
CA GLU A 286 -4.22 -25.72 27.71
C GLU A 286 -5.72 -25.47 27.75
N GLU A 287 -6.41 -26.19 28.63
CA GLU A 287 -7.86 -26.04 28.76
C GLU A 287 -8.23 -24.68 29.33
N LEU A 288 -7.47 -24.24 30.33
CA LEU A 288 -7.64 -22.91 30.87
C LEU A 288 -7.32 -21.85 29.80
N LEU A 289 -6.31 -22.13 28.99
CA LEU A 289 -5.96 -21.26 27.87
C LEU A 289 -7.12 -21.12 26.88
N ARG A 290 -7.85 -22.22 26.69
CA ARG A 290 -9.04 -22.20 25.83
C ARG A 290 -10.18 -21.45 26.50
N ARG A 291 -10.64 -21.98 27.63
CA ARG A 291 -11.80 -21.42 28.34
C ARG A 291 -11.63 -19.96 28.74
N PHE A 292 -10.40 -19.56 29.03
CA PHE A 292 -10.15 -18.17 29.45
C PHE A 292 -9.27 -17.40 28.47
N SER A 293 -9.49 -17.65 27.18
CA SER A 293 -8.86 -16.89 26.11
C SER A 293 -9.23 -15.41 26.28
N LEU A 294 -8.39 -14.51 25.80
CA LEU A 294 -8.50 -13.11 26.21
C LEU A 294 -8.06 -12.05 25.19
N VAL A 295 -7.51 -12.47 24.05
CA VAL A 295 -7.05 -11.50 23.06
C VAL A 295 -8.01 -11.40 21.87
N ALA A 296 -8.18 -10.18 21.36
CA ALA A 296 -9.00 -9.96 20.18
C ALA A 296 -8.53 -8.76 19.35
N ASP A 297 -7.75 -9.03 18.30
CA ASP A 297 -7.48 -7.99 17.31
C ASP A 297 -7.94 -8.43 15.92
N GLY A 298 -7.46 -7.79 14.86
CA GLY A 298 -7.99 -8.08 13.54
C GLY A 298 -7.17 -7.60 12.36
N ARG A 299 -7.85 -7.41 11.23
CA ARG A 299 -7.21 -7.07 9.96
C ARG A 299 -7.98 -5.99 9.21
N ILE A 300 -7.37 -5.49 8.14
CA ILE A 300 -8.03 -4.53 7.26
C ILE A 300 -8.06 -5.07 5.82
N LEU A 301 -9.18 -4.85 5.12
CA LEU A 301 -9.36 -5.32 3.76
C LEU A 301 -8.48 -4.56 2.77
N THR A 302 -7.72 -5.30 1.97
CA THR A 302 -6.85 -4.71 0.95
C THR A 302 -7.63 -4.33 -0.31
N SER A 303 -8.73 -5.04 -0.56
CA SER A 303 -9.56 -4.78 -1.73
C SER A 303 -10.99 -5.24 -1.46
N ASP A 304 -11.89 -4.91 -2.38
CA ASP A 304 -13.27 -5.37 -2.28
C ASP A 304 -13.28 -6.88 -2.40
N TYR A 305 -14.05 -7.55 -1.55
CA TYR A 305 -13.96 -8.99 -1.43
C TYR A 305 -15.22 -9.57 -0.81
N GLU A 306 -15.83 -10.53 -1.49
CA GLU A 306 -17.00 -11.20 -0.95
C GLU A 306 -16.56 -12.36 -0.08
N PHE A 307 -16.94 -12.32 1.20
CA PHE A 307 -16.49 -13.29 2.18
C PHE A 307 -17.70 -13.89 2.89
N HIS A 308 -17.91 -15.19 2.68
CA HIS A 308 -19.05 -15.89 3.26
C HIS A 308 -20.38 -15.16 2.99
N GLY A 309 -20.62 -14.87 1.72
CA GLY A 309 -21.87 -14.25 1.30
C GLY A 309 -21.98 -12.79 1.68
N VAL A 310 -20.92 -12.23 2.24
CA VAL A 310 -20.94 -10.83 2.65
C VAL A 310 -19.95 -10.01 1.83
N GLN A 311 -20.39 -8.83 1.38
CA GLN A 311 -19.55 -7.94 0.59
C GLN A 311 -18.70 -7.03 1.46
N LEU A 312 -17.40 -7.30 1.50
CA LEU A 312 -16.50 -6.45 2.26
C LEU A 312 -15.85 -5.44 1.32
N LYS A 313 -15.77 -4.19 1.75
CA LYS A 313 -15.20 -3.15 0.91
C LYS A 313 -13.76 -2.86 1.33
N LYS A 314 -12.94 -2.43 0.38
CA LYS A 314 -11.57 -2.02 0.64
C LYS A 314 -11.54 -0.99 1.77
N GLY A 315 -10.65 -1.20 2.74
CA GLY A 315 -10.54 -0.28 3.86
C GLY A 315 -11.41 -0.64 5.07
N ASP A 316 -12.38 -1.53 4.87
CA ASP A 316 -13.21 -2.03 5.96
C ASP A 316 -12.31 -2.72 6.98
N GLN A 317 -12.53 -2.46 8.26
CA GLN A 317 -11.86 -3.21 9.30
C GLN A 317 -12.67 -4.42 9.73
N ILE A 318 -11.99 -5.50 10.07
CA ILE A 318 -12.67 -6.68 10.61
C ILE A 318 -11.97 -7.23 11.86
N LEU A 319 -12.69 -7.25 12.98
CA LEU A 319 -12.19 -7.87 14.20
C LEU A 319 -12.29 -9.38 14.06
N LEU A 320 -11.19 -10.07 14.38
CA LEU A 320 -11.14 -11.53 14.32
C LEU A 320 -10.73 -12.08 15.68
N PRO A 321 -11.70 -12.21 16.59
CA PRO A 321 -11.40 -12.41 18.01
C PRO A 321 -10.81 -13.78 18.31
N GLN A 322 -9.50 -13.81 18.56
CA GLN A 322 -8.81 -15.05 18.93
C GLN A 322 -9.54 -15.76 20.07
N MET A 323 -10.14 -14.97 20.96
CA MET A 323 -10.87 -15.48 22.11
C MET A 323 -12.03 -16.39 21.71
N LEU A 324 -12.74 -16.00 20.65
CA LEU A 324 -14.01 -16.60 20.30
C LEU A 324 -13.94 -18.03 19.76
N SER A 325 -12.83 -18.36 19.11
CA SER A 325 -12.68 -19.65 18.45
C SER A 325 -12.94 -20.84 19.39
N GLY A 326 -12.17 -20.91 20.47
CA GLY A 326 -12.28 -22.00 21.43
C GLY A 326 -13.58 -22.03 22.23
N LEU A 327 -14.27 -20.90 22.29
CA LEU A 327 -15.55 -20.82 22.99
C LEU A 327 -16.70 -21.20 22.07
N ASP A 328 -16.40 -21.34 20.78
CA ASP A 328 -17.38 -21.77 19.81
C ASP A 328 -17.76 -23.22 20.07
N GLU A 329 -19.06 -23.46 20.30
CA GLU A 329 -19.56 -24.81 20.52
C GLU A 329 -19.37 -25.70 19.29
N ARG A 330 -19.10 -25.05 18.15
CA ARG A 330 -18.82 -25.77 16.91
C ARG A 330 -17.39 -26.32 16.86
N GLU A 331 -16.55 -25.90 17.82
CA GLU A 331 -15.19 -26.42 17.92
C GLU A 331 -15.07 -27.29 19.17
N ASN A 332 -15.77 -26.90 20.23
CA ASN A 332 -15.73 -27.63 21.49
C ASN A 332 -17.12 -27.76 22.13
N ALA A 333 -17.58 -28.99 22.32
CA ALA A 333 -18.86 -29.24 22.98
C ALA A 333 -18.82 -28.77 24.42
N ALA A 334 -19.93 -28.20 24.90
CA ALA A 334 -20.00 -27.57 26.22
C ALA A 334 -18.76 -26.70 26.47
N PRO A 335 -18.57 -25.67 25.62
CA PRO A 335 -17.32 -24.89 25.64
C PRO A 335 -17.12 -24.11 26.94
N MET A 336 -18.21 -23.80 27.64
CA MET A 336 -18.12 -23.02 28.87
C MET A 336 -17.75 -23.87 30.08
N HIS A 337 -17.75 -25.19 29.92
CA HIS A 337 -17.34 -26.09 30.99
CA HIS A 337 -17.35 -26.09 30.99
C HIS A 337 -15.84 -26.33 30.94
N VAL A 338 -15.19 -26.30 32.09
CA VAL A 338 -13.77 -26.62 32.16
C VAL A 338 -13.58 -28.11 32.42
N ASP A 339 -12.95 -28.80 31.47
CA ASP A 339 -12.69 -30.23 31.59
C ASP A 339 -11.20 -30.49 31.36
N PHE A 340 -10.48 -30.76 32.43
CA PHE A 340 -9.04 -30.99 32.34
C PHE A 340 -8.72 -32.26 31.54
N SER A 341 -9.73 -33.09 31.30
CA SER A 341 -9.56 -34.31 30.54
C SER A 341 -10.08 -34.18 29.11
N ARG A 342 -10.51 -32.97 28.74
CA ARG A 342 -11.08 -32.72 27.42
C ARG A 342 -10.16 -33.24 26.31
N GLN A 343 -10.72 -34.09 25.45
CA GLN A 343 -9.92 -34.89 24.53
C GLN A 343 -9.22 -34.08 23.44
N LYS A 344 -9.95 -33.16 22.82
CA LYS A 344 -9.39 -32.34 21.77
C LYS A 344 -9.61 -30.86 22.06
N VAL A 345 -8.63 -30.22 22.70
CA VAL A 345 -8.73 -28.82 23.07
C VAL A 345 -8.43 -27.91 21.88
N SER A 346 -9.49 -27.34 21.31
CA SER A 346 -9.36 -26.55 20.09
C SER A 346 -9.46 -25.06 20.42
N HIS A 347 -8.47 -24.29 19.97
CA HIS A 347 -8.47 -22.86 20.24
C HIS A 347 -7.53 -22.08 19.30
N THR A 348 -7.70 -20.75 19.27
CA THR A 348 -6.74 -19.85 18.62
C THR A 348 -6.29 -18.80 19.63
N THR A 349 -6.01 -19.24 20.85
CA THR A 349 -5.64 -18.31 21.91
C THR A 349 -4.32 -17.57 21.62
N PHE A 350 -3.38 -18.27 20.99
CA PHE A 350 -2.11 -17.64 20.62
C PHE A 350 -2.10 -17.16 19.17
N GLY A 351 -3.28 -17.02 18.59
CA GLY A 351 -3.40 -16.56 17.23
C GLY A 351 -3.50 -17.68 16.22
N HIS A 352 -3.32 -17.33 14.95
CA HIS A 352 -3.47 -18.26 13.83
C HIS A 352 -2.90 -17.61 12.57
N GLY A 353 -2.28 -18.39 11.70
CA GLY A 353 -1.68 -17.87 10.49
C GLY A 353 -0.19 -17.58 10.65
N SER A 354 0.32 -16.61 9.90
CA SER A 354 1.75 -16.31 9.89
C SER A 354 2.20 -15.50 11.12
N HIS A 355 1.23 -15.01 11.89
CA HIS A 355 1.55 -14.16 13.04
C HIS A 355 1.39 -14.88 14.37
N LEU A 356 1.51 -16.21 14.36
CA LEU A 356 1.38 -17.00 15.58
C LEU A 356 2.29 -16.49 16.70
N CYS A 357 1.79 -16.51 17.93
CA CYS A 357 2.48 -15.95 19.09
C CYS A 357 3.89 -16.52 19.26
N LEU A 358 4.88 -15.62 19.32
CA LEU A 358 6.26 -15.99 19.54
C LEU A 358 6.59 -16.18 21.02
N GLY A 359 5.74 -15.64 21.89
CA GLY A 359 5.96 -15.69 23.31
C GLY A 359 5.20 -16.80 24.00
N GLN A 360 4.50 -17.61 23.21
CA GLN A 360 3.63 -18.66 23.73
C GLN A 360 4.39 -19.73 24.52
N HIS A 361 5.66 -19.93 24.19
CA HIS A 361 6.47 -20.91 24.91
C HIS A 361 6.86 -20.35 26.29
N LEU A 362 7.15 -19.06 26.33
CA LEU A 362 7.38 -18.37 27.60
C LEU A 362 6.11 -18.36 28.44
N ALA A 363 4.98 -18.13 27.77
CA ALA A 363 3.69 -18.06 28.45
C ALA A 363 3.29 -19.39 29.10
N ARG A 364 3.44 -20.49 28.39
CA ARG A 364 3.09 -21.81 28.94
C ARG A 364 3.93 -22.18 30.16
N ARG A 365 5.23 -21.91 30.09
CA ARG A 365 6.10 -22.19 31.21
C ARG A 365 5.68 -21.39 32.43
N GLU A 366 5.36 -20.12 32.23
CA GLU A 366 4.97 -19.27 33.35
C GLU A 366 3.65 -19.71 33.99
N ILE A 367 2.72 -20.19 33.15
CA ILE A 367 1.43 -20.67 33.62
C ILE A 367 1.58 -22.01 34.37
N ILE A 368 2.31 -22.93 33.76
CA ILE A 368 2.49 -24.27 34.34
C ILE A 368 3.22 -24.23 35.68
N VAL A 369 4.25 -23.38 35.76
CA VAL A 369 5.03 -23.24 36.99
C VAL A 369 4.17 -22.63 38.10
N THR A 370 3.41 -21.61 37.76
CA THR A 370 2.52 -20.98 38.73
C THR A 370 1.57 -22.01 39.34
N LEU A 371 0.93 -22.78 38.48
CA LEU A 371 -0.03 -23.80 38.91
C LEU A 371 0.59 -24.81 39.88
N LYS A 372 1.73 -25.38 39.50
CA LYS A 372 2.43 -26.35 40.33
C LYS A 372 2.85 -25.77 41.68
N GLU A 373 3.55 -24.65 41.63
CA GLU A 373 4.14 -24.07 42.83
C GLU A 373 3.12 -23.45 43.78
N TRP A 374 1.96 -23.08 43.27
CA TRP A 374 0.93 -22.52 44.13
C TRP A 374 0.15 -23.62 44.83
N LEU A 375 -0.21 -24.67 44.09
CA LEU A 375 -1.04 -25.73 44.63
C LEU A 375 -0.35 -26.60 45.68
N THR A 376 0.97 -26.74 45.56
CA THR A 376 1.72 -27.55 46.51
C THR A 376 2.01 -26.79 47.80
N ARG A 377 1.79 -25.48 47.77
CA ARG A 377 2.02 -24.63 48.94
C ARG A 377 0.72 -24.07 49.51
N ILE A 378 -0.20 -23.67 48.64
CA ILE A 378 -1.49 -23.15 49.06
C ILE A 378 -2.60 -23.87 48.30
N PRO A 379 -2.91 -25.11 48.73
CA PRO A 379 -3.84 -26.00 48.02
C PRO A 379 -5.30 -25.59 48.19
N ASP A 380 -5.63 -25.02 49.33
CA ASP A 380 -6.99 -24.62 49.62
C ASP A 380 -7.06 -23.11 49.80
N PHE A 381 -7.86 -22.48 48.96
CA PHE A 381 -8.06 -21.03 49.03
C PHE A 381 -9.37 -20.66 48.37
N SER A 382 -9.80 -19.42 48.54
CA SER A 382 -11.04 -18.96 47.95
C SER A 382 -11.05 -17.45 47.77
N ILE A 383 -12.13 -16.94 47.20
CA ILE A 383 -12.31 -15.51 47.04
C ILE A 383 -12.68 -14.90 48.39
N ALA A 384 -12.21 -13.68 48.64
CA ALA A 384 -12.57 -12.95 49.86
C ALA A 384 -14.10 -12.87 49.96
N PRO A 385 -14.63 -13.04 51.17
CA PRO A 385 -16.09 -13.07 51.36
C PRO A 385 -16.75 -11.79 50.87
N GLY A 386 -17.78 -11.92 50.06
CA GLY A 386 -18.53 -10.78 49.57
C GLY A 386 -17.95 -10.10 48.34
N ALA A 387 -16.74 -10.49 47.96
CA ALA A 387 -16.06 -9.87 46.82
C ALA A 387 -16.81 -10.02 45.50
N GLN A 388 -17.05 -8.90 44.83
CA GLN A 388 -17.65 -8.88 43.50
C GLN A 388 -16.57 -8.67 42.45
N ILE A 389 -16.19 -9.75 41.76
CA ILE A 389 -15.10 -9.68 40.79
C ILE A 389 -15.49 -8.98 39.49
N GLN A 390 -14.76 -7.91 39.16
CA GLN A 390 -14.99 -7.16 37.94
C GLN A 390 -13.98 -7.51 36.87
N HIS A 391 -14.45 -7.66 35.63
CA HIS A 391 -13.56 -7.85 34.50
C HIS A 391 -13.51 -6.58 33.66
N LYS A 392 -12.52 -6.50 32.77
CA LYS A 392 -12.40 -5.38 31.85
C LYS A 392 -12.11 -5.91 30.45
N SER A 393 -12.64 -5.23 29.44
CA SER A 393 -12.57 -5.76 28.07
C SER A 393 -11.81 -4.84 27.13
N GLY A 394 -11.09 -5.43 26.17
CA GLY A 394 -10.37 -4.67 25.15
C GLY A 394 -9.61 -5.57 24.18
N ILE A 395 -8.55 -5.03 23.58
CA ILE A 395 -7.66 -5.80 22.71
C ILE A 395 -7.15 -7.03 23.46
N VAL A 396 -6.77 -6.82 24.72
CA VAL A 396 -6.52 -7.92 25.65
C VAL A 396 -7.40 -7.66 26.88
N SER A 397 -8.14 -8.67 27.31
CA SER A 397 -9.02 -8.53 28.46
C SER A 397 -8.31 -8.94 29.75
N GLY A 398 -8.86 -8.55 30.90
CA GLY A 398 -8.22 -8.79 32.17
C GLY A 398 -9.13 -8.72 33.37
N VAL A 399 -8.53 -8.80 34.55
CA VAL A 399 -9.23 -8.81 35.83
C VAL A 399 -8.84 -7.59 36.66
N GLN A 400 -9.84 -6.83 37.10
CA GLN A 400 -9.61 -5.59 37.83
C GLN A 400 -8.92 -5.82 39.19
N ALA A 401 -9.41 -6.80 39.94
CA ALA A 401 -8.81 -7.16 41.22
C ALA A 401 -9.28 -8.55 41.65
N LEU A 402 -8.38 -9.31 42.26
CA LEU A 402 -8.71 -10.65 42.72
C LEU A 402 -8.21 -10.86 44.15
N PRO A 403 -9.07 -10.57 45.14
CA PRO A 403 -8.77 -10.77 46.56
C PRO A 403 -8.98 -12.23 46.98
N LEU A 404 -7.93 -12.86 47.48
CA LEU A 404 -8.01 -14.26 47.90
C LEU A 404 -7.80 -14.41 49.40
N VAL A 405 -8.42 -15.42 49.99
CA VAL A 405 -8.21 -15.74 51.39
C VAL A 405 -7.96 -17.24 51.59
N TRP A 406 -7.17 -17.58 52.60
CA TRP A 406 -6.93 -18.96 52.96
C TRP A 406 -6.55 -19.11 54.43
N ASP A 407 -6.60 -20.35 54.93
CA ASP A 407 -6.21 -20.64 56.30
C ASP A 407 -4.77 -21.15 56.33
N PRO A 408 -3.85 -20.34 56.88
CA PRO A 408 -2.41 -20.63 56.94
C PRO A 408 -2.10 -22.05 57.44
N ALA A 409 -2.91 -22.56 58.34
CA ALA A 409 -2.69 -23.89 58.91
C ALA A 409 -2.87 -25.00 57.87
N THR A 410 -3.60 -24.70 56.80
CA THR A 410 -3.86 -25.68 55.76
C THR A 410 -2.77 -25.68 54.69
N THR A 411 -1.76 -24.82 54.86
CA THR A 411 -0.71 -24.65 53.86
C THR A 411 0.58 -25.41 54.21
N LYS A 412 1.45 -25.59 53.22
CA LYS A 412 2.68 -26.34 53.39
C LYS A 412 3.90 -25.56 52.87
N ALA A 413 5.08 -25.90 53.38
CA ALA A 413 6.32 -25.33 52.87
C ALA A 413 7.13 -26.40 52.16
N VAL A 414 7.59 -26.10 50.95
CA VAL A 414 8.31 -27.08 50.13
C VAL A 414 9.78 -26.72 49.99
N ASN B 10 -19.05 28.18 -25.65
CA ASN B 10 -17.81 27.85 -26.35
C ASN B 10 -17.99 26.72 -27.36
N LEU B 11 -19.19 26.61 -27.91
CA LEU B 11 -19.47 25.60 -28.94
C LEU B 11 -19.54 26.27 -30.30
N ALA B 12 -18.58 25.94 -31.16
CA ALA B 12 -18.49 26.54 -32.50
C ALA B 12 -19.64 26.10 -33.40
N PRO B 13 -20.32 27.09 -34.03
CA PRO B 13 -21.45 26.91 -34.96
C PRO B 13 -21.29 25.71 -35.90
N LEU B 14 -22.30 24.87 -35.94
CA LEU B 14 -22.27 23.67 -36.77
C LEU B 14 -22.18 24.01 -38.25
N PRO B 15 -21.10 23.57 -38.93
CA PRO B 15 -20.94 23.77 -40.37
C PRO B 15 -22.06 23.09 -41.15
N PRO B 16 -22.44 23.66 -42.30
CA PRO B 16 -23.55 23.15 -43.11
C PRO B 16 -23.38 21.68 -43.49
N HIS B 17 -22.14 21.26 -43.72
CA HIS B 17 -21.88 19.90 -44.21
C HIS B 17 -21.81 18.86 -43.09
N VAL B 18 -21.99 19.29 -41.84
CA VAL B 18 -21.98 18.35 -40.72
C VAL B 18 -23.40 18.07 -40.20
N PRO B 19 -23.80 16.80 -40.23
CA PRO B 19 -25.12 16.38 -39.74
C PRO B 19 -25.23 16.55 -38.24
N GLU B 20 -26.44 16.81 -37.74
CA GLU B 20 -26.64 17.03 -36.31
C GLU B 20 -26.50 15.73 -35.51
N HIS B 21 -26.73 14.60 -36.16
CA HIS B 21 -26.71 13.30 -35.49
C HIS B 21 -25.29 12.76 -35.26
N LEU B 22 -24.29 13.40 -35.87
CA LEU B 22 -22.90 13.01 -35.68
C LEU B 22 -22.20 13.93 -34.68
N VAL B 23 -22.99 14.72 -33.96
CA VAL B 23 -22.45 15.69 -33.03
C VAL B 23 -22.25 15.13 -31.62
N PHE B 24 -21.03 15.25 -31.11
CA PHE B 24 -20.68 14.84 -29.76
C PHE B 24 -19.70 15.85 -29.20
N ASP B 25 -20.20 16.79 -28.38
CA ASP B 25 -19.39 17.91 -27.90
C ASP B 25 -18.30 17.50 -26.90
N PHE B 26 -17.28 16.79 -27.39
CA PHE B 26 -16.16 16.35 -26.56
C PHE B 26 -15.03 17.39 -26.56
N ASP B 27 -14.69 17.87 -25.37
CA ASP B 27 -13.60 18.82 -25.19
C ASP B 27 -12.30 18.07 -24.88
N MET B 28 -11.36 18.08 -25.82
CA MET B 28 -10.11 17.35 -25.63
C MET B 28 -9.21 17.94 -24.55
N TYR B 29 -9.46 19.18 -24.16
CA TYR B 29 -8.65 19.84 -23.12
C TYR B 29 -9.33 19.82 -21.75
N ASN B 30 -10.60 19.44 -21.71
CA ASN B 30 -11.34 19.33 -20.47
C ASN B 30 -12.55 18.40 -20.60
N PRO B 31 -12.30 17.09 -20.69
CA PRO B 31 -13.35 16.10 -20.93
C PRO B 31 -14.25 15.89 -19.70
N SER B 32 -15.49 15.49 -19.94
CA SER B 32 -16.53 15.39 -18.91
C SER B 32 -16.21 14.42 -17.77
N ASN B 33 -15.92 13.17 -18.12
CA ASN B 33 -15.70 12.14 -17.11
C ASN B 33 -14.27 12.14 -16.58
N LEU B 34 -13.69 13.34 -16.46
CA LEU B 34 -12.28 13.50 -16.11
C LEU B 34 -11.91 12.93 -14.74
N SER B 35 -12.82 13.04 -13.78
CA SER B 35 -12.56 12.56 -12.42
C SER B 35 -12.39 11.05 -12.34
N ALA B 36 -12.98 10.33 -13.28
CA ALA B 36 -12.91 8.87 -13.30
C ALA B 36 -11.60 8.36 -13.91
N GLY B 37 -10.76 9.29 -14.36
CA GLY B 37 -9.53 8.95 -15.05
C GLY B 37 -9.57 9.52 -16.45
N VAL B 38 -8.42 9.97 -16.96
CA VAL B 38 -8.39 10.61 -18.29
C VAL B 38 -8.67 9.59 -19.40
N GLN B 39 -8.14 8.38 -19.28
CA GLN B 39 -8.40 7.34 -20.26
C GLN B 39 -9.87 6.96 -20.24
N GLU B 40 -10.44 6.92 -19.05
CA GLU B 40 -11.87 6.65 -18.87
C GLU B 40 -12.72 7.76 -19.50
N ALA B 41 -12.24 9.00 -19.37
CA ALA B 41 -12.93 10.16 -19.92
C ALA B 41 -12.99 10.12 -21.45
N TRP B 42 -11.88 9.74 -22.09
CA TRP B 42 -11.85 9.62 -23.54
C TRP B 42 -12.62 8.39 -24.01
N ALA B 43 -12.77 7.41 -23.12
CA ALA B 43 -13.41 6.14 -23.45
C ALA B 43 -14.93 6.25 -23.61
N VAL B 44 -15.50 7.40 -23.26
CA VAL B 44 -16.93 7.65 -23.45
C VAL B 44 -17.22 7.82 -24.94
N LEU B 45 -16.16 7.92 -25.73
CA LEU B 45 -16.29 8.04 -27.18
C LEU B 45 -16.45 6.66 -27.82
N GLN B 46 -16.20 5.63 -27.02
CA GLN B 46 -16.24 4.26 -27.54
C GLN B 46 -17.46 3.47 -27.04
N GLU B 47 -18.37 4.16 -26.36
CA GLU B 47 -19.60 3.52 -25.91
C GLU B 47 -20.45 3.12 -27.11
N SER B 48 -21.28 2.10 -26.92
CA SER B 48 -22.06 1.50 -28.01
C SER B 48 -22.99 2.48 -28.73
N ASN B 49 -23.28 3.59 -28.07
CA ASN B 49 -24.20 4.58 -28.62
C ASN B 49 -23.51 5.74 -29.33
N VAL B 50 -22.20 5.61 -29.57
CA VAL B 50 -21.42 6.66 -30.21
C VAL B 50 -20.91 6.23 -31.58
N PRO B 51 -21.12 7.08 -32.59
CA PRO B 51 -20.63 6.82 -33.96
C PRO B 51 -19.12 6.68 -34.03
N ASP B 52 -18.63 5.97 -35.05
CA ASP B 52 -17.19 5.79 -35.23
C ASP B 52 -16.53 7.12 -35.57
N LEU B 53 -17.28 8.00 -36.23
CA LEU B 53 -16.77 9.32 -36.59
C LEU B 53 -17.78 10.40 -36.22
N VAL B 54 -17.39 11.26 -35.28
CA VAL B 54 -18.29 12.29 -34.76
C VAL B 54 -17.72 13.69 -34.97
N TRP B 55 -18.56 14.70 -34.78
CA TRP B 55 -18.12 16.09 -34.83
C TRP B 55 -18.33 16.77 -33.49
N THR B 56 -17.25 17.29 -32.92
CA THR B 56 -17.38 18.11 -31.71
C THR B 56 -17.34 19.58 -32.07
N ARG B 57 -18.09 20.38 -31.32
CA ARG B 57 -18.15 21.81 -31.55
C ARG B 57 -17.22 22.56 -30.60
N CYS B 58 -16.58 21.82 -29.70
CA CYS B 58 -15.61 22.43 -28.79
C CYS B 58 -14.36 22.75 -29.59
N ASN B 59 -13.57 23.71 -29.09
CA ASN B 59 -12.26 24.01 -29.66
C ASN B 59 -12.27 24.39 -31.13
N GLY B 60 -13.31 25.11 -31.56
CA GLY B 60 -13.40 25.57 -32.93
C GLY B 60 -14.10 24.60 -33.87
N GLY B 61 -14.33 23.39 -33.40
CA GLY B 61 -15.05 22.39 -34.17
C GLY B 61 -14.12 21.54 -35.01
N HIS B 62 -14.24 20.22 -34.87
CA HIS B 62 -13.39 19.28 -35.59
C HIS B 62 -13.92 17.86 -35.50
N TRP B 63 -13.59 17.04 -36.50
CA TRP B 63 -13.96 15.63 -36.49
C TRP B 63 -13.13 14.85 -35.49
N ILE B 64 -13.67 13.72 -35.05
CA ILE B 64 -12.96 12.81 -34.15
C ILE B 64 -13.28 11.36 -34.52
N ALA B 65 -12.25 10.59 -34.86
CA ALA B 65 -12.42 9.15 -35.01
C ALA B 65 -12.39 8.52 -33.63
N THR B 66 -13.30 7.59 -33.36
CA THR B 66 -13.43 7.01 -32.02
C THR B 66 -12.96 5.57 -31.96
N ARG B 67 -12.62 4.99 -33.11
CA ARG B 67 -12.22 3.59 -33.19
C ARG B 67 -10.87 3.48 -33.86
N GLY B 68 -10.09 2.47 -33.44
CA GLY B 68 -8.74 2.28 -33.97
C GLY B 68 -8.68 1.95 -35.44
N GLN B 69 -9.75 1.36 -35.97
CA GLN B 69 -9.81 1.00 -37.38
C GLN B 69 -9.69 2.25 -38.24
N LEU B 70 -10.48 3.26 -37.91
CA LEU B 70 -10.47 4.54 -38.61
C LEU B 70 -9.19 5.34 -38.34
N ILE B 71 -8.77 5.37 -37.08
CA ILE B 71 -7.52 6.02 -36.69
C ILE B 71 -6.37 5.49 -37.54
N ARG B 72 -6.26 4.16 -37.61
CA ARG B 72 -5.18 3.53 -38.39
C ARG B 72 -5.25 3.83 -39.88
N GLU B 73 -6.45 3.74 -40.46
CA GLU B 73 -6.63 4.01 -41.88
C GLU B 73 -6.20 5.43 -42.26
N ALA B 74 -6.67 6.40 -41.48
CA ALA B 74 -6.39 7.81 -41.76
C ALA B 74 -4.90 8.15 -41.66
N TYR B 75 -4.24 7.64 -40.64
CA TYR B 75 -2.80 7.86 -40.47
C TYR B 75 -1.98 7.29 -41.62
N GLU B 76 -2.53 6.27 -42.29
CA GLU B 76 -1.87 5.69 -43.46
C GLU B 76 -2.10 6.52 -44.73
N ASP B 77 -3.30 7.10 -44.85
CA ASP B 77 -3.65 7.85 -46.06
C ASP B 77 -3.28 9.33 -45.95
N TYR B 78 -2.01 9.63 -46.19
CA TYR B 78 -1.52 11.00 -46.08
C TYR B 78 -1.85 11.87 -47.29
N ARG B 79 -2.40 11.24 -48.32
CA ARG B 79 -2.88 11.99 -49.48
C ARG B 79 -4.05 12.88 -49.06
N HIS B 80 -4.97 12.30 -48.30
CA HIS B 80 -6.16 13.00 -47.84
C HIS B 80 -5.98 13.62 -46.46
N PHE B 81 -5.17 12.96 -45.63
CA PHE B 81 -4.96 13.42 -44.27
C PHE B 81 -3.55 13.93 -44.05
N SER B 82 -3.36 15.23 -44.27
CA SER B 82 -2.05 15.86 -44.23
C SER B 82 -1.67 16.30 -42.82
N SER B 83 -0.36 16.33 -42.58
CA SER B 83 0.17 16.67 -41.26
C SER B 83 0.57 18.14 -41.17
N GLU B 84 0.26 18.91 -42.22
CA GLU B 84 0.59 20.33 -42.23
C GLU B 84 -0.09 21.07 -41.08
N CYS B 85 -1.29 20.59 -40.73
CA CYS B 85 -2.08 21.17 -39.66
C CYS B 85 -2.53 20.05 -38.72
N PRO B 86 -1.62 19.60 -37.83
CA PRO B 86 -1.87 18.40 -37.01
C PRO B 86 -2.40 18.69 -35.60
N PHE B 87 -2.42 19.96 -35.19
CA PHE B 87 -2.92 20.32 -33.86
C PHE B 87 -4.30 20.96 -33.88
N ILE B 88 -4.97 20.87 -32.74
CA ILE B 88 -6.23 21.57 -32.47
C ILE B 88 -5.98 22.43 -31.24
N PRO B 89 -6.40 23.70 -31.27
CA PRO B 89 -7.23 24.38 -32.29
C PRO B 89 -6.47 24.75 -33.56
N ARG B 90 -7.21 25.34 -34.52
CA ARG B 90 -6.70 25.60 -35.86
C ARG B 90 -5.47 26.50 -35.89
N GLU B 91 -5.42 27.47 -34.98
CA GLU B 91 -4.29 28.40 -34.92
C GLU B 91 -3.01 27.66 -34.56
N ALA B 92 -3.14 26.61 -33.74
CA ALA B 92 -2.00 25.80 -33.34
C ALA B 92 -1.52 24.93 -34.50
N GLY B 93 -2.45 24.26 -35.16
CA GLY B 93 -2.11 23.42 -36.30
C GLY B 93 -1.46 24.22 -37.41
N GLU B 94 -1.92 25.46 -37.58
CA GLU B 94 -1.34 26.36 -38.58
C GLU B 94 0.08 26.75 -38.19
N ALA B 95 0.26 27.19 -36.96
CA ALA B 95 1.56 27.63 -36.47
C ALA B 95 2.56 26.49 -36.38
N TYR B 96 2.04 25.29 -36.15
CA TYR B 96 2.87 24.08 -36.01
C TYR B 96 3.66 23.83 -37.29
N ASP B 97 4.98 23.93 -37.19
CA ASP B 97 5.84 23.68 -38.33
C ASP B 97 7.08 22.87 -37.95
N PHE B 98 6.99 22.15 -36.83
CA PHE B 98 8.05 21.25 -36.40
C PHE B 98 8.41 20.27 -37.49
N ILE B 99 9.65 19.80 -37.47
CA ILE B 99 10.15 18.85 -38.46
C ILE B 99 10.53 17.56 -37.76
N PRO B 100 10.14 16.40 -38.33
CA PRO B 100 9.41 16.26 -39.59
C PRO B 100 7.91 16.05 -39.44
N THR B 101 7.36 16.30 -38.26
CA THR B 101 5.96 16.01 -37.99
C THR B 101 5.00 16.79 -38.89
N SER B 102 5.37 18.01 -39.24
CA SER B 102 4.49 18.86 -40.05
C SER B 102 4.67 18.64 -41.55
N MET B 103 5.41 17.59 -41.92
CA MET B 103 5.63 17.27 -43.34
C MET B 103 5.01 15.93 -43.71
N ASP B 104 4.44 15.86 -44.91
CA ASP B 104 3.98 14.59 -45.46
C ASP B 104 5.11 13.96 -46.27
N PRO B 105 5.06 12.63 -46.43
CA PRO B 105 5.94 11.96 -47.40
C PRO B 105 5.65 12.51 -48.78
N PRO B 106 6.63 12.50 -49.70
CA PRO B 106 7.98 11.94 -49.55
C PRO B 106 8.99 12.92 -48.97
N GLU B 107 8.63 14.20 -48.90
CA GLU B 107 9.53 15.24 -48.42
C GLU B 107 9.93 15.01 -46.96
N GLN B 108 9.07 14.35 -46.20
CA GLN B 108 9.28 14.15 -44.77
C GLN B 108 10.44 13.20 -44.46
N ARG B 109 10.55 12.15 -45.27
CA ARG B 109 11.41 11.00 -44.96
C ARG B 109 12.89 11.32 -44.79
N GLN B 110 13.38 12.33 -45.53
CA GLN B 110 14.78 12.72 -45.43
C GLN B 110 15.15 13.25 -44.03
N PHE B 111 14.18 13.85 -43.35
CA PHE B 111 14.43 14.44 -42.05
C PHE B 111 14.34 13.46 -40.89
N ARG B 112 13.77 12.28 -41.15
CA ARG B 112 13.64 11.27 -40.10
C ARG B 112 14.97 10.58 -39.81
N ALA B 113 15.76 10.37 -40.86
CA ALA B 113 17.06 9.74 -40.71
C ALA B 113 17.95 10.58 -39.79
N LEU B 114 17.97 11.88 -40.04
CA LEU B 114 18.77 12.80 -39.23
C LEU B 114 18.27 12.84 -37.79
N ALA B 115 16.95 12.76 -37.62
CA ALA B 115 16.36 12.76 -36.29
C ALA B 115 16.64 11.44 -35.58
N ASN B 116 16.77 10.37 -36.37
CA ASN B 116 17.14 9.07 -35.82
C ASN B 116 18.55 9.09 -35.24
N GLN B 117 19.39 9.96 -35.79
CA GLN B 117 20.79 10.06 -35.35
C GLN B 117 20.93 10.56 -33.92
N VAL B 118 19.94 11.29 -33.43
CA VAL B 118 20.08 11.91 -32.12
C VAL B 118 19.23 11.26 -31.01
N VAL B 119 18.16 10.57 -31.39
CA VAL B 119 17.30 9.93 -30.38
C VAL B 119 17.01 8.46 -30.66
N GLY B 120 17.62 7.91 -31.69
CA GLY B 120 17.39 6.53 -32.09
C GLY B 120 18.14 5.52 -31.22
N MET B 121 18.01 4.25 -31.57
CA MET B 121 18.61 3.16 -30.82
C MET B 121 20.14 3.25 -30.57
N PRO B 122 20.92 3.70 -31.58
CA PRO B 122 22.36 3.82 -31.28
C PRO B 122 22.65 4.85 -30.19
N VAL B 123 21.81 5.86 -30.08
CA VAL B 123 21.92 6.86 -29.03
C VAL B 123 21.51 6.29 -27.66
N VAL B 124 20.47 5.47 -27.65
CA VAL B 124 20.03 4.80 -26.43
C VAL B 124 21.15 3.94 -25.84
N ASP B 125 21.89 3.25 -26.70
CA ASP B 125 23.00 2.41 -26.28
C ASP B 125 24.11 3.23 -25.60
N LYS B 126 24.42 4.39 -26.18
CA LYS B 126 25.40 5.29 -25.58
C LYS B 126 24.96 5.77 -24.21
N LEU B 127 23.68 6.10 -24.09
CA LEU B 127 23.13 6.66 -22.86
C LEU B 127 22.77 5.60 -21.83
N GLU B 128 22.97 4.33 -22.17
CA GLU B 128 22.56 3.21 -21.32
C GLU B 128 23.02 3.35 -19.88
N ASN B 129 24.33 3.52 -19.69
CA ASN B 129 24.90 3.71 -18.36
C ASN B 129 24.28 4.87 -17.58
N ARG B 130 24.18 6.03 -18.21
CA ARG B 130 23.66 7.22 -17.54
C ARG B 130 22.19 7.08 -17.16
N ILE B 131 21.42 6.38 -17.99
CA ILE B 131 20.00 6.17 -17.70
C ILE B 131 19.86 5.26 -16.49
N GLN B 132 20.59 4.15 -16.52
CA GLN B 132 20.61 3.20 -15.41
C GLN B 132 21.03 3.88 -14.11
N GLU B 133 22.09 4.67 -14.18
CA GLU B 133 22.66 5.27 -12.99
C GLU B 133 21.76 6.35 -12.37
N LEU B 134 21.23 7.24 -13.20
CA LEU B 134 20.34 8.29 -12.72
C LEU B 134 19.11 7.71 -12.01
N ALA B 135 18.49 6.71 -12.64
CA ALA B 135 17.32 6.05 -12.06
C ALA B 135 17.65 5.47 -10.68
N CYS B 136 18.71 4.67 -10.60
CA CYS B 136 19.09 4.06 -9.33
C CYS B 136 19.37 5.13 -8.27
N SER B 137 20.01 6.21 -8.69
CA SER B 137 20.41 7.29 -7.78
C SER B 137 19.22 8.08 -7.22
N LEU B 138 18.25 8.37 -8.07
CA LEU B 138 17.06 9.09 -7.64
C LEU B 138 16.24 8.27 -6.65
N ILE B 139 16.08 6.98 -6.95
CA ILE B 139 15.25 6.10 -6.15
C ILE B 139 15.86 5.80 -4.77
N GLU B 140 17.17 5.59 -4.73
CA GLU B 140 17.85 5.33 -3.46
C GLU B 140 17.75 6.52 -2.52
N SER B 141 17.74 7.72 -3.08
CA SER B 141 17.62 8.93 -2.28
C SER B 141 16.23 9.05 -1.65
N LEU B 142 15.21 8.58 -2.37
CA LEU B 142 13.83 8.64 -1.89
C LEU B 142 13.49 7.50 -0.93
N ARG B 143 14.15 6.36 -1.12
CA ARG B 143 13.84 5.12 -0.40
C ARG B 143 13.64 5.23 1.13
N PRO B 144 14.60 5.86 1.86
CA PRO B 144 14.42 5.89 3.31
C PRO B 144 13.29 6.81 3.77
N GLN B 145 12.88 7.74 2.92
CA GLN B 145 11.90 8.76 3.32
C GLN B 145 10.51 8.20 3.55
N GLY B 146 10.22 7.04 2.97
CA GLY B 146 8.91 6.43 3.10
C GLY B 146 7.81 7.22 2.43
N GLN B 147 8.18 8.14 1.54
CA GLN B 147 7.22 8.97 0.82
C GLN B 147 7.87 9.82 -0.27
N CYS B 148 7.09 10.19 -1.28
CA CYS B 148 7.56 11.10 -2.32
C CYS B 148 6.41 11.71 -3.10
N ASN B 149 6.66 12.87 -3.70
CA ASN B 149 5.75 13.44 -4.70
C ASN B 149 6.26 13.04 -6.08
N PHE B 150 5.80 11.88 -6.54
CA PHE B 150 6.41 11.18 -7.67
C PHE B 150 6.58 12.00 -8.96
N THR B 151 5.67 12.93 -9.23
CA THR B 151 5.75 13.71 -10.47
C THR B 151 6.98 14.61 -10.50
N GLU B 152 7.22 15.33 -9.40
CA GLU B 152 8.35 16.25 -9.36
C GLU B 152 9.61 15.63 -8.77
N ASP B 153 9.45 14.49 -8.08
CA ASP B 153 10.58 13.82 -7.46
C ASP B 153 11.26 12.82 -8.40
N TYR B 154 10.50 12.28 -9.34
CA TYR B 154 11.07 11.29 -10.26
C TYR B 154 10.60 11.42 -11.71
N ALA B 155 9.27 11.42 -11.92
CA ALA B 155 8.71 11.43 -13.27
C ALA B 155 9.22 12.58 -14.14
N GLU B 156 9.43 13.73 -13.53
CA GLU B 156 10.02 14.86 -14.27
C GLU B 156 11.56 14.80 -14.36
N PRO B 157 12.27 14.85 -13.21
CA PRO B 157 13.73 14.96 -13.31
C PRO B 157 14.44 13.83 -14.08
N PHE B 158 13.96 12.60 -13.96
CA PHE B 158 14.63 11.45 -14.57
C PHE B 158 14.72 11.51 -16.12
N PRO B 159 13.58 11.63 -16.81
CA PRO B 159 13.78 11.68 -18.27
C PRO B 159 14.20 13.06 -18.79
N ILE B 160 13.92 14.12 -18.04
CA ILE B 160 14.30 15.45 -18.49
C ILE B 160 15.81 15.67 -18.37
N ARG B 161 16.39 15.24 -17.25
CA ARG B 161 17.84 15.37 -17.06
C ARG B 161 18.63 14.55 -18.08
N ILE B 162 18.07 13.41 -18.48
CA ILE B 162 18.70 12.60 -19.52
C ILE B 162 18.67 13.33 -20.86
N PHE B 163 17.54 13.95 -21.18
CA PHE B 163 17.43 14.66 -22.44
C PHE B 163 18.31 15.91 -22.47
N MET B 164 18.38 16.63 -21.34
CA MET B 164 19.25 17.80 -21.25
C MET B 164 20.73 17.41 -21.37
N LEU B 165 21.10 16.28 -20.78
CA LEU B 165 22.44 15.72 -20.96
C LEU B 165 22.68 15.42 -22.43
N LEU B 166 21.72 14.72 -23.03
CA LEU B 166 21.75 14.37 -24.46
C LEU B 166 21.85 15.60 -25.38
N ALA B 167 21.20 16.69 -24.98
CA ALA B 167 21.12 17.87 -25.84
C ALA B 167 22.19 18.90 -25.48
N GLY B 168 22.99 18.59 -24.45
CA GLY B 168 24.04 19.49 -24.03
C GLY B 168 23.50 20.82 -23.57
N LEU B 169 22.44 20.77 -22.76
CA LEU B 169 21.81 21.98 -22.25
C LEU B 169 21.86 22.00 -20.71
N PRO B 170 22.08 23.20 -20.13
CA PRO B 170 22.19 23.39 -18.67
C PRO B 170 20.89 23.02 -17.95
N GLU B 171 21.00 22.31 -16.84
CA GLU B 171 19.82 21.86 -16.09
C GLU B 171 19.03 23.03 -15.53
N GLU B 172 19.67 24.19 -15.40
CA GLU B 172 18.99 25.37 -14.87
C GLU B 172 17.98 25.93 -15.87
N ASP B 173 18.00 25.42 -17.10
CA ASP B 173 17.06 25.88 -18.11
C ASP B 173 15.76 25.07 -18.08
N ILE B 174 15.73 24.03 -17.25
CA ILE B 174 14.59 23.12 -17.20
C ILE B 174 13.21 23.77 -16.92
N PRO B 175 13.10 24.60 -15.86
CA PRO B 175 11.79 25.21 -15.60
C PRO B 175 11.26 26.06 -16.77
N HIS B 176 12.13 26.84 -17.39
CA HIS B 176 11.73 27.62 -18.56
C HIS B 176 11.23 26.73 -19.70
N LEU B 177 12.03 25.72 -20.06
CA LEU B 177 11.70 24.85 -21.20
C LEU B 177 10.49 23.94 -20.95
N LYS B 178 10.38 23.43 -19.72
CA LYS B 178 9.24 22.59 -19.35
C LYS B 178 7.92 23.34 -19.44
N TYR B 179 7.92 24.59 -18.98
CA TYR B 179 6.73 25.43 -19.07
C TYR B 179 6.29 25.63 -20.51
N LEU B 180 7.24 25.96 -21.38
CA LEU B 180 6.96 26.19 -22.78
C LEU B 180 6.40 24.93 -23.46
N THR B 181 6.98 23.78 -23.16
CA THR B 181 6.53 22.53 -23.76
C THR B 181 5.11 22.20 -23.31
N ASP B 182 4.80 22.53 -22.05
CA ASP B 182 3.49 22.25 -21.49
C ASP B 182 2.38 23.11 -22.09
N GLN B 183 2.72 24.33 -22.50
CA GLN B 183 1.72 25.22 -23.08
C GLN B 183 1.33 24.79 -24.48
N MET B 184 2.17 23.98 -25.10
CA MET B 184 1.88 23.45 -26.44
C MET B 184 1.05 22.18 -26.36
N THR B 185 1.05 21.52 -25.20
CA THR B 185 0.32 20.26 -25.04
C THR B 185 -0.89 20.40 -24.12
N ARG B 186 -0.75 21.19 -23.05
CA ARG B 186 -1.83 21.41 -22.08
C ARG B 186 -1.85 22.85 -21.59
N PRO B 187 -2.16 23.80 -22.49
CA PRO B 187 -2.07 25.23 -22.17
C PRO B 187 -2.99 25.66 -21.04
N ASP B 188 -2.48 26.49 -20.13
CA ASP B 188 -3.27 26.98 -19.01
C ASP B 188 -4.02 28.26 -19.35
N GLY B 189 -3.73 28.81 -20.52
CA GLY B 189 -4.39 30.01 -20.98
C GLY B 189 -3.45 31.20 -21.05
N SER B 190 -2.36 31.14 -20.28
CA SER B 190 -1.39 32.24 -20.24
C SER B 190 -0.76 32.50 -21.60
N MET B 191 -0.59 31.45 -22.39
CA MET B 191 0.07 31.56 -23.69
C MET B 191 -0.69 30.83 -24.79
N THR B 192 -0.63 31.37 -26.00
CA THR B 192 -1.09 30.66 -27.17
C THR B 192 -0.01 29.68 -27.61
N PHE B 193 -0.35 28.76 -28.50
CA PHE B 193 0.61 27.79 -28.99
C PHE B 193 1.73 28.47 -29.77
N ALA B 194 1.36 29.45 -30.60
CA ALA B 194 2.32 30.14 -31.45
C ALA B 194 3.33 30.93 -30.63
N GLU B 195 2.87 31.51 -29.52
CA GLU B 195 3.77 32.23 -28.63
C GLU B 195 4.80 31.29 -28.00
N ALA B 196 4.32 30.16 -27.50
CA ALA B 196 5.20 29.16 -26.90
C ALA B 196 6.19 28.60 -27.93
N LYS B 197 5.72 28.41 -29.16
CA LYS B 197 6.60 27.95 -30.23
C LYS B 197 7.73 28.95 -30.47
N GLU B 198 7.37 30.23 -30.52
CA GLU B 198 8.35 31.28 -30.79
C GLU B 198 9.39 31.46 -29.68
N ALA B 199 8.96 31.30 -28.43
CA ALA B 199 9.87 31.39 -27.30
C ALA B 199 10.87 30.24 -27.31
N LEU B 200 10.40 29.06 -27.71
CA LEU B 200 11.25 27.87 -27.82
C LEU B 200 12.28 28.04 -28.95
N TYR B 201 11.84 28.61 -30.06
CA TYR B 201 12.70 28.91 -31.19
C TYR B 201 13.72 29.99 -30.82
N ASP B 202 13.25 31.00 -30.09
CA ASP B 202 14.10 32.08 -29.61
C ASP B 202 15.23 31.55 -28.72
N TYR B 203 14.91 30.56 -27.89
CA TYR B 203 15.88 29.89 -27.05
C TYR B 203 16.94 29.19 -27.90
N LEU B 204 16.48 28.54 -28.97
CA LEU B 204 17.34 27.68 -29.78
C LEU B 204 18.25 28.39 -30.78
N ILE B 205 17.81 29.53 -31.30
CA ILE B 205 18.52 30.21 -32.39
C ILE B 205 20.01 30.53 -32.14
N PRO B 206 20.34 31.17 -31.01
CA PRO B 206 21.77 31.44 -30.77
C PRO B 206 22.58 30.17 -30.51
N ILE B 207 21.93 29.15 -29.97
CA ILE B 207 22.59 27.87 -29.69
C ILE B 207 22.97 27.16 -30.99
N ILE B 208 22.04 27.19 -31.93
CA ILE B 208 22.25 26.52 -33.22
C ILE B 208 23.33 27.18 -34.05
N GLU B 209 23.34 28.51 -34.11
CA GLU B 209 24.38 29.23 -34.84
C GLU B 209 25.75 28.96 -34.23
N GLN B 210 25.82 28.93 -32.91
CA GLN B 210 27.07 28.67 -32.21
C GLN B 210 27.64 27.30 -32.56
N ARG B 211 26.78 26.29 -32.50
CA ARG B 211 27.21 24.91 -32.68
C ARG B 211 27.37 24.51 -34.16
N ARG B 212 27.08 25.44 -35.05
CA ARG B 212 27.41 25.28 -36.47
C ARG B 212 28.80 25.82 -36.77
N GLN B 213 29.27 26.75 -35.95
CA GLN B 213 30.64 27.25 -36.09
C GLN B 213 31.61 26.38 -35.30
N LYS B 214 31.16 25.90 -34.14
CA LYS B 214 31.95 24.99 -33.31
C LYS B 214 31.15 23.72 -33.05
N PRO B 215 31.15 22.78 -34.02
CA PRO B 215 30.38 21.55 -33.88
C PRO B 215 30.85 20.69 -32.70
N GLY B 216 29.88 20.13 -31.98
CA GLY B 216 30.18 19.29 -30.83
C GLY B 216 29.59 17.89 -30.97
N THR B 217 29.40 17.23 -29.82
CA THR B 217 28.91 15.86 -29.80
C THR B 217 27.43 15.78 -29.43
N ASP B 218 26.89 16.89 -28.96
CA ASP B 218 25.53 16.96 -28.45
C ASP B 218 24.47 16.87 -29.55
N ALA B 219 23.24 16.54 -29.15
CA ALA B 219 22.14 16.35 -30.07
C ALA B 219 21.86 17.54 -30.98
N ILE B 220 22.00 18.74 -30.46
CA ILE B 220 21.76 19.94 -31.25
C ILE B 220 22.85 20.17 -32.30
N SER B 221 24.11 19.91 -31.95
CA SER B 221 25.20 20.03 -32.92
C SER B 221 25.03 19.05 -34.07
N ILE B 222 24.64 17.83 -33.73
CA ILE B 222 24.41 16.79 -34.73
C ILE B 222 23.34 17.23 -35.72
N VAL B 223 22.23 17.72 -35.21
CA VAL B 223 21.14 18.17 -36.08
C VAL B 223 21.58 19.39 -36.90
N ALA B 224 22.13 20.39 -36.23
CA ALA B 224 22.49 21.65 -36.88
C ALA B 224 23.57 21.55 -37.96
N ASN B 225 24.48 20.59 -37.81
CA ASN B 225 25.54 20.40 -38.81
C ASN B 225 25.29 19.21 -39.72
N GLY B 226 24.10 18.64 -39.62
CA GLY B 226 23.78 17.43 -40.35
C GLY B 226 23.44 17.65 -41.81
N GLN B 227 23.11 16.55 -42.49
CA GLN B 227 22.70 16.59 -43.89
C GLN B 227 21.43 15.79 -44.08
N VAL B 228 20.66 16.18 -45.10
CA VAL B 228 19.41 15.51 -45.40
C VAL B 228 19.39 15.06 -46.86
N ASN B 229 19.54 13.75 -47.06
CA ASN B 229 19.69 13.16 -48.39
C ASN B 229 20.79 13.81 -49.22
N GLY B 230 21.94 14.04 -48.59
CA GLY B 230 23.12 14.52 -49.29
C GLY B 230 23.44 15.99 -49.15
N ARG B 231 22.41 16.83 -49.03
CA ARG B 231 22.62 18.27 -48.95
C ARG B 231 22.59 18.75 -47.49
N PRO B 232 23.35 19.81 -47.18
CA PRO B 232 23.39 20.33 -45.82
C PRO B 232 22.06 20.92 -45.36
N ILE B 233 21.74 20.71 -44.09
CA ILE B 233 20.52 21.25 -43.48
C ILE B 233 20.70 22.75 -43.26
N THR B 234 19.62 23.51 -43.37
CA THR B 234 19.66 24.95 -43.16
C THR B 234 19.49 25.25 -41.67
N SER B 235 19.83 26.48 -41.27
CA SER B 235 19.70 26.89 -39.88
C SER B 235 18.25 26.83 -39.41
N ASP B 236 17.33 27.24 -40.28
CA ASP B 236 15.91 27.28 -39.93
C ASP B 236 15.33 25.88 -39.82
N GLU B 237 15.71 25.00 -40.73
CA GLU B 237 15.31 23.60 -40.66
C GLU B 237 15.78 22.97 -39.35
N ALA B 238 17.04 23.23 -38.99
CA ALA B 238 17.63 22.71 -37.76
C ALA B 238 16.83 23.15 -36.54
N LYS B 239 16.44 24.42 -36.53
CA LYS B 239 15.65 25.00 -35.45
C LYS B 239 14.31 24.30 -35.30
N ARG B 240 13.67 24.02 -36.43
CA ARG B 240 12.34 23.42 -36.42
C ARG B 240 12.40 21.94 -36.00
N MET B 241 13.56 21.32 -36.19
CA MET B 241 13.73 19.94 -35.75
C MET B 241 14.05 19.88 -34.26
N CYS B 242 14.92 20.77 -33.81
CA CYS B 242 15.32 20.79 -32.39
C CYS B 242 14.18 21.14 -31.46
N GLY B 243 13.30 22.04 -31.90
CA GLY B 243 12.14 22.43 -31.15
C GLY B 243 11.24 21.24 -30.84
N LEU B 244 11.00 20.41 -31.86
CA LEU B 244 10.24 19.18 -31.69
C LEU B 244 10.92 18.23 -30.71
N LEU B 245 12.22 18.06 -30.85
CA LEU B 245 13.00 17.17 -29.98
C LEU B 245 12.85 17.52 -28.50
N LEU B 246 12.88 18.82 -28.19
CA LEU B 246 12.66 19.28 -26.81
C LEU B 246 11.28 18.91 -26.28
N VAL B 247 10.26 18.97 -27.14
CA VAL B 247 8.90 18.63 -26.71
C VAL B 247 8.79 17.15 -26.39
N GLY B 248 9.31 16.33 -27.29
CA GLY B 248 9.35 14.89 -27.06
C GLY B 248 10.09 14.53 -25.79
N GLY B 249 11.23 15.18 -25.57
CA GLY B 249 12.05 14.91 -24.40
C GLY B 249 11.45 15.35 -23.07
N LEU B 250 10.64 16.40 -23.11
CA LEU B 250 10.20 17.05 -21.88
C LEU B 250 8.77 16.72 -21.43
N ASP B 251 7.93 16.24 -22.34
CA ASP B 251 6.53 16.05 -21.99
C ASP B 251 5.87 14.82 -22.63
N THR B 252 6.55 13.68 -22.57
CA THR B 252 5.94 12.43 -23.01
C THR B 252 6.12 11.36 -21.93
N VAL B 253 7.33 10.79 -21.88
CA VAL B 253 7.70 9.80 -20.87
C VAL B 253 7.33 10.30 -19.47
N VAL B 254 7.61 11.58 -19.24
CA VAL B 254 7.32 12.26 -17.98
C VAL B 254 5.92 11.97 -17.44
N ASN B 255 4.94 11.98 -18.33
CA ASN B 255 3.57 11.77 -17.92
C ASN B 255 3.19 10.31 -17.84
N PHE B 256 3.70 9.53 -18.80
CA PHE B 256 3.40 8.11 -18.82
C PHE B 256 3.91 7.37 -17.58
N LEU B 257 5.04 7.84 -17.04
CA LEU B 257 5.61 7.21 -15.85
C LEU B 257 4.67 7.37 -14.66
N SER B 258 4.01 8.51 -14.56
CA SER B 258 3.10 8.76 -13.45
C SER B 258 1.84 7.91 -13.55
N PHE B 259 1.28 7.82 -14.76
CA PHE B 259 0.15 6.93 -15.01
C PHE B 259 0.50 5.52 -14.57
N SER B 260 1.71 5.07 -14.94
CA SER B 260 2.14 3.72 -14.63
C SER B 260 2.26 3.48 -13.13
N MET B 261 2.87 4.42 -12.43
CA MET B 261 3.14 4.26 -11.01
C MET B 261 1.89 4.42 -10.14
N GLU B 262 0.92 5.20 -10.63
CA GLU B 262 -0.35 5.33 -9.92
C GLU B 262 -1.03 3.99 -9.90
N PHE B 263 -1.03 3.32 -11.05
CA PHE B 263 -1.67 2.02 -11.18
C PHE B 263 -1.01 0.98 -10.28
N LEU B 264 0.32 0.91 -10.33
CA LEU B 264 1.05 -0.06 -9.53
C LEU B 264 0.85 0.19 -8.03
N ALA B 265 0.74 1.47 -7.66
CA ALA B 265 0.49 1.82 -6.27
C ALA B 265 -0.91 1.39 -5.84
N LYS B 266 -1.80 1.21 -6.80
CA LYS B 266 -3.17 0.78 -6.52
C LYS B 266 -3.38 -0.72 -6.67
N SER B 267 -2.38 -1.44 -7.17
CA SER B 267 -2.57 -2.88 -7.42
C SER B 267 -1.41 -3.75 -6.94
N PRO B 268 -1.50 -4.21 -5.68
CA PRO B 268 -0.51 -5.09 -5.05
C PRO B 268 -0.24 -6.36 -5.85
N GLU B 269 -1.28 -6.89 -6.52
CA GLU B 269 -1.15 -8.11 -7.32
C GLU B 269 -0.18 -7.91 -8.48
N HIS B 270 -0.26 -6.76 -9.12
CA HIS B 270 0.58 -6.47 -10.28
C HIS B 270 2.03 -6.17 -9.90
N ARG B 271 2.23 -5.58 -8.72
CA ARG B 271 3.59 -5.38 -8.22
C ARG B 271 4.23 -6.74 -7.99
N GLN B 272 3.51 -7.63 -7.31
CA GLN B 272 3.99 -8.97 -6.96
C GLN B 272 4.44 -9.73 -8.19
N GLU B 273 3.65 -9.60 -9.25
CA GLU B 273 3.90 -10.27 -10.52
C GLU B 273 5.27 -9.89 -11.07
N LEU B 274 5.52 -8.60 -11.18
CA LEU B 274 6.78 -8.09 -11.69
C LEU B 274 7.93 -8.34 -10.71
N ILE B 275 7.59 -8.46 -9.42
CA ILE B 275 8.59 -8.75 -8.39
C ILE B 275 9.05 -10.21 -8.49
N GLU B 276 8.10 -11.11 -8.70
CA GLU B 276 8.40 -12.53 -8.81
C GLU B 276 9.05 -12.87 -10.14
N ARG B 277 8.60 -12.22 -11.22
CA ARG B 277 9.10 -12.52 -12.55
C ARG B 277 9.56 -11.29 -13.31
N PRO B 278 10.76 -10.78 -12.97
CA PRO B 278 11.31 -9.54 -13.50
C PRO B 278 11.51 -9.56 -15.02
N GLU B 279 11.59 -10.75 -15.61
CA GLU B 279 11.77 -10.86 -17.05
C GLU B 279 10.47 -10.54 -17.82
N ARG B 280 9.38 -10.38 -17.08
CA ARG B 280 8.09 -10.04 -17.70
C ARG B 280 7.90 -8.54 -17.81
N ILE B 281 8.85 -7.77 -17.28
CA ILE B 281 8.77 -6.32 -17.29
C ILE B 281 8.60 -5.66 -18.69
N PRO B 282 9.40 -6.07 -19.70
CA PRO B 282 9.18 -5.50 -21.03
C PRO B 282 7.76 -5.73 -21.57
N ALA B 283 7.16 -6.89 -21.28
CA ALA B 283 5.79 -7.16 -21.70
C ALA B 283 4.81 -6.31 -20.90
N ALA B 284 5.10 -6.12 -19.61
CA ALA B 284 4.25 -5.33 -18.74
C ALA B 284 4.25 -3.88 -19.20
N CYS B 285 5.43 -3.39 -19.59
CA CYS B 285 5.59 -2.05 -20.12
C CYS B 285 4.70 -1.82 -21.35
N GLU B 286 4.69 -2.79 -22.26
CA GLU B 286 3.87 -2.69 -23.46
C GLU B 286 2.38 -2.64 -23.13
N GLU B 287 1.96 -3.48 -22.20
CA GLU B 287 0.56 -3.51 -21.80
C GLU B 287 0.16 -2.21 -21.11
N LEU B 288 1.05 -1.70 -20.27
CA LEU B 288 0.82 -0.41 -19.63
C LEU B 288 0.79 0.71 -20.67
N LEU B 289 1.59 0.57 -21.73
CA LEU B 289 1.60 1.55 -22.80
C LEU B 289 0.26 1.58 -23.55
N ARG B 290 -0.42 0.45 -23.59
CA ARG B 290 -1.74 0.38 -24.19
C ARG B 290 -2.77 1.01 -23.27
N ARG B 291 -2.83 0.49 -22.03
CA ARG B 291 -3.84 0.89 -21.06
C ARG B 291 -3.76 2.37 -20.70
N PHE B 292 -2.53 2.90 -20.64
CA PHE B 292 -2.36 4.28 -20.24
C PHE B 292 -1.72 5.12 -21.35
N SER B 293 -2.12 4.82 -22.59
CA SER B 293 -1.77 5.62 -23.75
C SER B 293 -2.24 7.06 -23.50
N LEU B 294 -1.54 8.04 -24.05
CA LEU B 294 -1.73 9.42 -23.58
C LEU B 294 -1.63 10.52 -24.64
N VAL B 295 -1.45 10.14 -25.90
CA VAL B 295 -1.29 11.13 -26.97
C VAL B 295 -2.53 11.20 -27.86
N ALA B 296 -2.90 12.41 -28.26
CA ALA B 296 -3.97 12.61 -29.24
C ALA B 296 -3.73 13.86 -30.09
N ASP B 297 -3.26 13.67 -31.31
CA ASP B 297 -3.23 14.76 -32.29
C ASP B 297 -3.94 14.30 -33.56
N GLY B 298 -3.76 15.01 -34.66
CA GLY B 298 -4.53 14.69 -35.86
C GLY B 298 -3.96 15.12 -37.19
N ARG B 299 -4.84 15.23 -38.18
CA ARG B 299 -4.44 15.56 -39.54
C ARG B 299 -5.42 16.57 -40.15
N ILE B 300 -5.14 17.01 -41.37
CA ILE B 300 -6.03 17.95 -42.06
C ILE B 300 -6.41 17.49 -43.47
N LEU B 301 -7.64 17.80 -43.86
CA LEU B 301 -8.18 17.39 -45.15
C LEU B 301 -7.57 18.17 -46.32
N THR B 302 -6.93 17.44 -47.23
CA THR B 302 -6.33 18.05 -48.42
C THR B 302 -7.38 18.34 -49.50
N SER B 303 -8.56 17.74 -49.36
CA SER B 303 -9.66 17.96 -50.30
C SER B 303 -10.99 17.47 -49.71
N ASP B 304 -12.07 17.67 -50.46
CA ASP B 304 -13.35 17.06 -50.10
C ASP B 304 -13.17 15.55 -50.21
N TYR B 305 -13.74 14.81 -49.27
CA TYR B 305 -13.49 13.38 -49.21
C TYR B 305 -14.49 12.68 -48.31
N GLU B 306 -15.12 11.63 -48.83
CA GLU B 306 -16.06 10.84 -48.04
C GLU B 306 -15.33 9.71 -47.33
N PHE B 307 -15.31 9.78 -46.00
CA PHE B 307 -14.60 8.80 -45.20
C PHE B 307 -15.57 7.95 -44.40
N HIS B 308 -15.62 6.66 -44.72
CA HIS B 308 -16.50 5.71 -44.04
C HIS B 308 -17.97 6.17 -44.03
N GLY B 309 -18.39 6.78 -45.13
CA GLY B 309 -19.77 7.23 -45.26
C GLY B 309 -20.04 8.59 -44.67
N VAL B 310 -18.99 9.36 -44.42
CA VAL B 310 -19.13 10.70 -43.85
C VAL B 310 -18.41 11.72 -44.75
N GLN B 311 -19.12 12.80 -45.10
CA GLN B 311 -18.56 13.83 -45.97
C GLN B 311 -17.65 14.80 -45.22
N LEU B 312 -16.37 14.80 -45.59
CA LEU B 312 -15.41 15.72 -45.02
C LEU B 312 -15.03 16.77 -46.05
N LYS B 313 -14.98 18.03 -45.63
CA LYS B 313 -14.62 19.13 -46.53
C LYS B 313 -13.13 19.46 -46.46
N LYS B 314 -12.62 20.05 -47.54
CA LYS B 314 -11.23 20.47 -47.60
C LYS B 314 -10.94 21.53 -46.54
N GLY B 315 -10.02 21.23 -45.64
CA GLY B 315 -9.67 22.16 -44.59
C GLY B 315 -10.23 21.77 -43.23
N ASP B 316 -11.04 20.72 -43.21
CA ASP B 316 -11.54 20.18 -41.95
C ASP B 316 -10.39 19.55 -41.16
N GLN B 317 -10.42 19.73 -39.84
CA GLN B 317 -9.46 19.11 -38.96
C GLN B 317 -10.07 17.86 -38.32
N ILE B 318 -9.31 16.76 -38.34
CA ILE B 318 -9.80 15.53 -37.70
C ILE B 318 -8.83 15.04 -36.63
N LEU B 319 -9.37 14.85 -35.42
CA LEU B 319 -8.57 14.34 -34.31
C LEU B 319 -8.53 12.81 -34.37
N LEU B 320 -7.32 12.26 -34.42
CA LEU B 320 -7.12 10.82 -34.50
C LEU B 320 -6.35 10.37 -33.27
N PRO B 321 -7.08 10.11 -32.17
CA PRO B 321 -6.48 9.88 -30.85
C PRO B 321 -5.71 8.56 -30.79
N GLN B 322 -4.38 8.66 -30.78
CA GLN B 322 -3.51 7.49 -30.65
C GLN B 322 -3.89 6.66 -29.42
N MET B 323 -4.38 7.37 -28.39
CA MET B 323 -4.81 6.77 -27.14
C MET B 323 -5.95 5.77 -27.32
N LEU B 324 -6.88 6.09 -28.23
CA LEU B 324 -8.14 5.34 -28.35
C LEU B 324 -8.02 3.94 -28.93
N SER B 325 -7.07 3.74 -29.85
CA SER B 325 -6.95 2.48 -30.58
C SER B 325 -6.78 1.25 -29.68
N GLY B 326 -5.91 1.35 -28.68
CA GLY B 326 -5.65 0.23 -27.79
C GLY B 326 -6.69 0.04 -26.71
N LEU B 327 -7.52 1.07 -26.50
CA LEU B 327 -8.58 0.98 -25.51
C LEU B 327 -9.89 0.52 -26.15
N ASP B 328 -9.87 0.34 -27.46
CA ASP B 328 -11.06 -0.10 -28.19
C ASP B 328 -11.34 -1.58 -27.94
N GLU B 329 -12.56 -1.86 -27.48
CA GLU B 329 -12.98 -3.23 -27.17
C GLU B 329 -12.87 -4.17 -28.38
N ARG B 330 -12.82 -3.59 -29.58
CA ARG B 330 -12.73 -4.38 -30.80
C ARG B 330 -11.30 -4.81 -31.12
N GLU B 331 -10.32 -4.15 -30.49
CA GLU B 331 -8.92 -4.51 -30.68
C GLU B 331 -8.38 -5.33 -29.52
N ASN B 332 -8.88 -5.05 -28.32
CA ASN B 332 -8.46 -5.76 -27.12
C ASN B 332 -9.64 -6.08 -26.22
N ALA B 333 -9.82 -7.36 -25.91
CA ALA B 333 -10.88 -7.80 -25.01
C ALA B 333 -10.65 -7.28 -23.60
N ALA B 334 -11.73 -6.80 -22.97
CA ALA B 334 -11.66 -6.16 -21.65
C ALA B 334 -10.54 -5.13 -21.62
N PRO B 335 -10.71 -4.03 -22.38
CA PRO B 335 -9.63 -3.07 -22.62
C PRO B 335 -9.16 -2.32 -21.37
N MET B 336 -10.05 -2.04 -20.43
CA MET B 336 -9.70 -1.26 -19.25
C MET B 336 -9.06 -2.14 -18.17
N HIS B 337 -8.95 -3.43 -18.45
CA HIS B 337 -8.28 -4.36 -17.56
C HIS B 337 -6.82 -4.55 -17.97
N VAL B 338 -5.92 -4.51 -16.99
CA VAL B 338 -4.50 -4.68 -17.25
C VAL B 338 -4.09 -6.14 -17.10
N ASP B 339 -3.71 -6.77 -18.21
CA ASP B 339 -3.25 -8.16 -18.19
C ASP B 339 -1.84 -8.24 -18.75
N PHE B 340 -0.87 -8.48 -17.87
CA PHE B 340 0.54 -8.51 -18.27
C PHE B 340 0.86 -9.70 -19.17
N SER B 341 -0.05 -10.67 -19.22
CA SER B 341 0.12 -11.83 -20.08
C SER B 341 -0.79 -11.77 -21.30
N ARG B 342 -1.22 -10.57 -21.65
CA ARG B 342 -2.08 -10.35 -22.81
C ARG B 342 -1.39 -10.80 -24.10
N GLN B 343 -2.06 -11.66 -24.86
CA GLN B 343 -1.43 -12.32 -25.99
C GLN B 343 -1.12 -11.40 -27.17
N LYS B 344 -2.08 -10.54 -27.52
CA LYS B 344 -1.88 -9.56 -28.58
C LYS B 344 -2.20 -8.16 -28.10
N VAL B 345 -1.15 -7.42 -27.72
CA VAL B 345 -1.32 -6.06 -27.24
C VAL B 345 -1.36 -5.08 -28.41
N SER B 346 -2.57 -4.78 -28.87
CA SER B 346 -2.75 -3.86 -30.00
C SER B 346 -2.90 -2.43 -29.50
N HIS B 347 -2.09 -1.54 -30.05
CA HIS B 347 -2.18 -0.12 -29.71
C HIS B 347 -1.58 0.75 -30.81
N THR B 348 -1.82 2.05 -30.73
CA THR B 348 -1.14 3.03 -31.57
C THR B 348 -0.55 4.14 -30.69
N THR B 349 -0.05 3.74 -29.53
CA THR B 349 0.51 4.68 -28.55
C THR B 349 1.64 5.52 -29.12
N PHE B 350 2.51 4.91 -29.94
CA PHE B 350 3.64 5.62 -30.54
C PHE B 350 3.34 6.10 -31.97
N GLY B 351 2.06 6.13 -32.32
CA GLY B 351 1.65 6.61 -33.63
C GLY B 351 1.38 5.50 -34.61
N HIS B 352 1.21 5.88 -35.87
CA HIS B 352 0.90 4.92 -36.93
C HIS B 352 1.19 5.57 -38.26
N GLY B 353 1.67 4.78 -39.22
CA GLY B 353 2.02 5.30 -40.52
C GLY B 353 3.43 5.87 -40.56
N SER B 354 3.65 6.84 -41.44
CA SER B 354 4.99 7.36 -41.69
C SER B 354 5.56 8.20 -40.54
N HIS B 355 4.71 8.60 -39.59
CA HIS B 355 5.18 9.43 -38.48
C HIS B 355 5.35 8.66 -37.18
N LEU B 356 5.60 7.36 -37.28
CA LEU B 356 5.87 6.53 -36.10
C LEU B 356 6.94 7.18 -35.24
N CYS B 357 6.69 7.22 -33.93
CA CYS B 357 7.55 7.89 -32.97
C CYS B 357 9.02 7.48 -33.10
N LEU B 358 9.91 8.47 -33.18
CA LEU B 358 11.34 8.22 -33.30
C LEU B 358 12.01 8.02 -31.94
N GLY B 359 11.35 8.43 -30.87
CA GLY B 359 11.92 8.37 -29.54
C GLY B 359 11.38 7.23 -28.69
N GLN B 360 10.65 6.32 -29.32
CA GLN B 360 10.01 5.21 -28.63
C GLN B 360 10.99 4.23 -28.02
N HIS B 361 12.15 4.06 -28.65
CA HIS B 361 13.20 3.22 -28.08
C HIS B 361 13.78 3.84 -26.80
N LEU B 362 13.92 5.16 -26.80
CA LEU B 362 14.35 5.85 -25.59
C LEU B 362 13.27 5.81 -24.51
N ALA B 363 12.02 5.98 -24.93
CA ALA B 363 10.89 5.93 -24.01
C ALA B 363 10.80 4.58 -23.30
N ARG B 364 10.78 3.50 -24.09
CA ARG B 364 10.69 2.15 -23.54
C ARG B 364 11.84 1.83 -22.59
N ARG B 365 13.04 2.26 -22.96
CA ARG B 365 14.21 2.06 -22.11
C ARG B 365 14.00 2.75 -20.77
N GLU B 366 13.54 3.99 -20.81
CA GLU B 366 13.31 4.73 -19.58
C GLU B 366 12.21 4.10 -18.71
N ILE B 367 11.17 3.55 -19.34
CA ILE B 367 10.10 2.88 -18.61
C ILE B 367 10.56 1.58 -17.96
N ILE B 368 11.17 0.70 -18.76
CA ILE B 368 11.66 -0.58 -18.28
C ILE B 368 12.67 -0.43 -17.13
N VAL B 369 13.60 0.51 -17.27
CA VAL B 369 14.57 0.77 -16.22
C VAL B 369 13.87 1.25 -14.94
N THR B 370 12.91 2.15 -15.11
CA THR B 370 12.18 2.71 -13.97
C THR B 370 11.44 1.64 -13.18
N LEU B 371 10.68 0.81 -13.88
CA LEU B 371 9.94 -0.26 -13.23
C LEU B 371 10.85 -1.23 -12.50
N LYS B 372 11.91 -1.66 -13.18
CA LYS B 372 12.81 -2.66 -12.63
C LYS B 372 13.56 -2.14 -11.39
N GLU B 373 14.06 -0.90 -11.47
CA GLU B 373 14.84 -0.35 -10.37
C GLU B 373 14.01 0.17 -9.20
N TRP B 374 12.76 0.54 -9.45
CA TRP B 374 11.89 0.96 -8.35
C TRP B 374 11.44 -0.26 -7.56
N LEU B 375 10.92 -1.26 -8.27
CA LEU B 375 10.40 -2.47 -7.63
C LEU B 375 11.47 -3.24 -6.87
N THR B 376 12.71 -3.15 -7.37
CA THR B 376 13.86 -3.75 -6.69
C THR B 376 14.06 -3.14 -5.31
N ARG B 377 13.97 -1.81 -5.22
CA ARG B 377 14.27 -1.08 -3.99
C ARG B 377 13.05 -0.79 -3.13
N ILE B 378 11.94 -0.45 -3.78
CA ILE B 378 10.71 -0.11 -3.08
C ILE B 378 9.57 -0.98 -3.62
N PRO B 379 9.58 -2.27 -3.23
CA PRO B 379 8.62 -3.26 -3.75
C PRO B 379 7.17 -2.97 -3.36
N ASP B 380 6.96 -2.45 -2.16
CA ASP B 380 5.62 -2.20 -1.66
C ASP B 380 5.38 -0.72 -1.43
N PHE B 381 4.33 -0.19 -2.03
CA PHE B 381 3.96 1.21 -1.86
C PHE B 381 2.49 1.43 -2.20
N SER B 382 1.94 2.53 -1.71
CA SER B 382 0.53 2.83 -1.92
C SER B 382 0.33 4.32 -2.17
N ILE B 383 -0.85 4.69 -2.64
CA ILE B 383 -1.25 6.08 -2.70
C ILE B 383 -1.36 6.56 -1.27
N ALA B 384 -0.91 7.79 -1.01
CA ALA B 384 -1.01 8.36 0.33
C ALA B 384 -2.47 8.41 0.80
N PRO B 385 -2.69 8.19 2.11
CA PRO B 385 -4.03 8.22 2.70
C PRO B 385 -4.79 9.50 2.40
N GLY B 386 -6.07 9.38 2.03
CA GLY B 386 -6.90 10.54 1.79
C GLY B 386 -6.65 11.27 0.49
N ALA B 387 -5.62 10.86 -0.25
CA ALA B 387 -5.27 11.52 -1.51
C ALA B 387 -6.24 11.16 -2.63
N GLN B 388 -6.53 12.13 -3.49
CA GLN B 388 -7.35 11.90 -4.67
C GLN B 388 -6.61 12.33 -5.93
N ILE B 389 -6.20 11.36 -6.74
CA ILE B 389 -5.36 11.63 -7.90
C ILE B 389 -6.13 12.28 -9.05
N GLN B 390 -5.65 13.44 -9.48
CA GLN B 390 -6.27 14.20 -10.56
C GLN B 390 -5.44 14.16 -11.85
N HIS B 391 -6.12 13.92 -12.97
CA HIS B 391 -5.46 13.89 -14.27
C HIS B 391 -5.72 15.17 -15.06
N LYS B 392 -4.98 15.34 -16.16
CA LYS B 392 -5.18 16.48 -17.06
C LYS B 392 -5.11 16.01 -18.51
N SER B 393 -5.97 16.58 -19.35
CA SER B 393 -6.10 16.12 -20.73
C SER B 393 -5.64 17.17 -21.73
N GLY B 394 -5.30 16.70 -22.93
CA GLY B 394 -4.86 17.58 -24.01
C GLY B 394 -4.19 16.80 -25.11
N ILE B 395 -3.27 17.44 -25.82
CA ILE B 395 -2.48 16.79 -26.85
C ILE B 395 -1.72 15.61 -26.23
N VAL B 396 -1.16 15.85 -25.06
CA VAL B 396 -0.60 14.78 -24.24
C VAL B 396 -1.22 14.92 -22.86
N SER B 397 -1.79 13.83 -22.36
CA SER B 397 -2.41 13.85 -21.04
C SER B 397 -1.37 13.58 -19.96
N GLY B 398 -1.72 13.89 -18.70
CA GLY B 398 -0.79 13.72 -17.60
C GLY B 398 -1.41 13.69 -16.22
N VAL B 399 -0.56 13.57 -15.20
CA VAL B 399 -1.01 13.53 -13.81
C VAL B 399 -0.56 14.79 -13.06
N GLN B 400 -1.47 15.39 -12.32
CA GLN B 400 -1.23 16.64 -11.61
C GLN B 400 -0.24 16.46 -10.47
N ALA B 401 -0.45 15.41 -9.68
CA ALA B 401 0.40 15.09 -8.55
C ALA B 401 0.18 13.64 -8.15
N LEU B 402 1.23 12.98 -7.66
CA LEU B 402 1.11 11.60 -7.24
C LEU B 402 1.86 11.34 -5.94
N PRO B 403 1.20 11.59 -4.80
CA PRO B 403 1.82 11.31 -3.49
C PRO B 403 1.83 9.82 -3.17
N LEU B 404 3.03 9.25 -3.01
CA LEU B 404 3.17 7.85 -2.64
C LEU B 404 3.74 7.73 -1.23
N VAL B 405 3.36 6.66 -0.55
CA VAL B 405 3.91 6.34 0.77
C VAL B 405 4.32 4.88 0.83
N TRP B 406 5.24 4.58 1.73
CA TRP B 406 5.61 3.18 1.98
C TRP B 406 6.26 3.04 3.35
N ASP B 407 6.48 1.79 3.74
CA ASP B 407 7.18 1.47 4.98
C ASP B 407 8.63 1.16 4.65
N PRO B 408 9.56 2.00 5.11
CA PRO B 408 11.00 1.86 4.86
C PRO B 408 11.52 0.48 5.22
N ALA B 409 10.91 -0.12 6.25
CA ALA B 409 11.30 -1.43 6.71
C ALA B 409 11.03 -2.52 5.67
N THR B 410 10.24 -2.20 4.66
CA THR B 410 9.95 -3.16 3.57
C THR B 410 10.82 -2.88 2.36
N THR B 411 11.69 -1.88 2.45
CA THR B 411 12.55 -1.55 1.33
C THR B 411 13.93 -2.20 1.48
N LYS B 412 14.73 -2.13 0.43
CA LYS B 412 16.10 -2.63 0.48
C LYS B 412 16.99 -1.78 -0.38
N ALA B 413 18.21 -1.54 0.09
CA ALA B 413 19.19 -0.78 -0.66
C ALA B 413 20.09 -1.74 -1.44
N VAL B 414 20.22 -1.49 -2.74
CA VAL B 414 21.08 -2.33 -3.57
C VAL B 414 22.20 -1.51 -4.21
#